data_9NL2
#
_entry.id   9NL2
#
_cell.length_a   1.00
_cell.length_b   1.00
_cell.length_c   1.00
_cell.angle_alpha   90.00
_cell.angle_beta   90.00
_cell.angle_gamma   90.00
#
_symmetry.space_group_name_H-M   'P 1'
#
loop_
_entity.id
_entity.type
_entity.pdbx_description
1 polymer 'R2 retrotransposon protein'
2 polymer 'Bottom strand for target rDNA'
3 polymer Primer
4 polymer "3'UTR RNA"
5 polymer 'Top strand for target rDNA'
6 non-polymer 'MAGNESIUM ION'
7 non-polymer 'ZINC ION'
8 non-polymer "THYMIDINE-5'-TRIPHOSPHATE"
#
loop_
_entity_poly.entity_id
_entity_poly.type
_entity_poly.pdbx_seq_one_letter_code
_entity_poly.pdbx_strand_id
1 'polypeptide(L)'
;QKTIIQLPNDNPACPFCGDHVGKPSALNVHLKRNHGGREVEFQCSMCNKADPKAHSILCHIPKCKGKVTEEPTGDWACET
CNKQFNTKSGLSQHKRIAHPAIRNQERIAASQPKPNSQRGKHNSCWTVEEEQLLAAFNNMFWGKKNINILISDHIHMKTA
KQISEKRRLLGLNKNATVTTTNPLPVSSTCHLKIRTDSPNTTTGLKDTYMCKINENIVNQGQIKFDSEVISAWMAGDSNI
RSLVESTSLDILSTFLMETPKPRKKGNNKITNKKSGKKKKWMEKRAVKKGFYKRYQHLFETDRCKLASIILDGTERLQCQ
IPLTEILETYKSKWETLTPFEGLGQFKSHAVADNTAFEILLSAKEIMKNIKEMNKNSAPGPDKVSLRDLLLADPECNALE
KLFNTWLITGIIPNSIKECRSLLIPKTADPEALKELGNWRPLTIGSIVLRLFSRIITNRLAKACPINARQRGFIATPGCS
ENLKILHTIVKQAKTSKKSLGVVFVDIAKAFDSVSHDHIMWVLQERGLDQHIVNIIEDSYKKIHTRMEVGTERTPPIEIK
VGVKQGDPMSPLLFNLAIDPLITALEKANTGFSYGKNKITSLAFADDLVMLSDTWEGMNKNIQILETFCNLSGLKVQAKK
CYGFFLSPTHDSYTINKCDAWKIDKDSLNMIQPGESEKYLGLKVDPWIGFSKPVLAEKLTIWLKRLTEAPLKPSQKLTML
NIYTIPRIIYLADHTDTKKTLLSSLDDNIRTVVKGWLHLPPDTCNGFIYTKTRDGGLGVTRLASLIPSIQARRLHRIATS
EDETIRNIAMANNIEEEFQNLWVTAGGKKEEIPRITDPVSIDYRLPRRILELLNEWEKPAPKKMYPIPCNWREAEMAHWK
NLPCQGSGIEHFDNDTISNDWLQFHRGFSERQFLMGLKIRANVYPTREYQGRGRTNKNVNCRNCTASYESLSHILGQCPA
VQGARIRRHNKLCSMLKREAKELKWVVYEEPHLHTTEKELRKPDLIFVKEEMALVVDVTVRFEYKEKVFEDAAAEKVRHY
KDLTSQIKELTGAKEIEYFGFPLGARGKWPEINEKVLTALGMPDYQQKRTAKRFSKRTLLYSIDVINTFENIGKNNKNNV
P
;
A
2 'polydeoxyribonucleotide'
;(DT)(DT)(DA)(DG)(DA)(DT)(DG)(DA)(DC)(DG)(DA)(DG)(DG)(DC)(DA)(DT)(DT)(DT)(DG)(DG)
(DC)(DT)(DA)(DC)(DC)(DT)(DT)(DA)(DA)(DG)(DA)(DG)(DA)(DG)(DT)(DC)(DA)(DT)(DA)(DG)
(DT)(DT)(DA)(DC)(DT)(DC)(DC)(DC)(DG)(DC)(DC)(DG)(DT)(DT)(DT)(DA)(DC)(DC)(DC)(DG)
(DC)(DG)(DC)(DT)(DT)(DC)(DA)(DC)(DA)(DG)
;
B
3 'polydeoxyribonucleotide' (DG)(DG)(DC)(DA)(DT)(DT)(DT)(DG)(DG)(DC)(DT)(DA)(DT) P
4 'polyribonucleotide'
;UAGGGUAGAUAAUCUUUGUAUAGUGGGGGGGGAUCUCAUGUACCGGGUUUCUUUUAUUUGAUUUUCAAUAAAACAGACGG
UAGCUAGGUUCGCAAGGCAGCCACAAGCCAAAGAUAGGUAGGGUGCUCAUAGUGAGUAGGGACAGUGCCUUUUGAUUCAC
AACGCGUCAAUACCAUCUGACACGGAUACCCUUACCGGACUUGUCAUGAUCUCCCAGACUUGUCCAAGGUGGACGGGCCA
CCUUUACUUAACCCGGAAAAGGAACAUAUAUUAAUUAUAUGUGUUCGGAAAAUAGCC
;
R
5 'polydeoxyribonucleotide'
;(DC)(DT)(DG)(DT)(DG)(DA)(DA)(DG)(DC)(DG)(DC)(DG)(DG)(DG)(DT)(DA)(DA)(DA)(DC)(DG)
(DG)(DC)(DG)(DG)(DG)(DA)(DG)(DT)(DA)(DA)(DC)(DT)(DA)(DT)(DG)(DA)(DC)(DT)(DC)(DT)
(DC)(DT)(DT)(DA)(DA)(DG)(DG)(DT)(DA)(DG)(DC)(DC)(DA)(DA)(DA)(DT)(DG)(DC)(DC)(DT)
(DC)(DG)(DT)(DC)(DA)(DT)(DC)(DT)(DA)(DA)
;
T
#
loop_
_chem_comp.id
_chem_comp.type
_chem_comp.name
_chem_comp.formula
A RNA linking ADENOSINE-5'-MONOPHOSPHATE 'C10 H14 N5 O7 P'
C RNA linking CYTIDINE-5'-MONOPHOSPHATE 'C9 H14 N3 O8 P'
DA DNA linking 2'-DEOXYADENOSINE-5'-MONOPHOSPHATE 'C10 H14 N5 O6 P'
DC DNA linking 2'-DEOXYCYTIDINE-5'-MONOPHOSPHATE 'C9 H14 N3 O7 P'
DG DNA linking 2'-DEOXYGUANOSINE-5'-MONOPHOSPHATE 'C10 H14 N5 O7 P'
DT DNA linking THYMIDINE-5'-MONOPHOSPHATE 'C10 H15 N2 O8 P'
G RNA linking GUANOSINE-5'-MONOPHOSPHATE 'C10 H14 N5 O8 P'
MG non-polymer 'MAGNESIUM ION' 'Mg 2'
TTP non-polymer THYMIDINE-5'-TRIPHOSPHATE 'C10 H17 N2 O14 P3'
U RNA linking URIDINE-5'-MONOPHOSPHATE 'C9 H13 N2 O9 P'
ZN non-polymer 'ZINC ION' 'Zn 2'
#
# COMPACT_ATOMS: atom_id res chain seq x y z
N GLN A 1 -36.03 20.05 1.61
CA GLN A 1 -34.54 19.92 1.71
C GLN A 1 -34.16 19.39 3.09
N LYS A 2 -32.86 19.37 3.37
CA LYS A 2 -32.38 18.88 4.66
C LYS A 2 -33.01 19.67 5.79
N THR A 3 -33.72 18.98 6.68
CA THR A 3 -34.35 19.64 7.80
C THR A 3 -33.28 20.26 8.71
N ILE A 4 -33.64 21.38 9.32
CA ILE A 4 -32.73 22.17 10.14
C ILE A 4 -33.32 22.31 11.54
N ILE A 5 -32.49 22.05 12.54
CA ILE A 5 -32.84 22.27 13.94
C ILE A 5 -31.92 23.36 14.45
N GLN A 6 -32.50 24.43 14.99
CA GLN A 6 -31.72 25.59 15.39
C GLN A 6 -31.50 25.60 16.89
N LEU A 7 -30.32 26.03 17.31
CA LEU A 7 -29.92 26.12 18.69
C LEU A 7 -29.46 27.55 18.96
N PRO A 8 -29.40 27.96 20.24
CA PRO A 8 -29.57 27.18 21.48
C PRO A 8 -31.01 26.76 21.71
N ASN A 9 -31.23 25.48 22.02
CA ASN A 9 -32.55 24.95 22.31
C ASN A 9 -32.39 23.89 23.39
N ASP A 10 -32.99 24.14 24.57
CA ASP A 10 -32.84 23.23 25.68
C ASP A 10 -33.47 21.87 25.36
N ASN A 11 -34.68 21.88 24.80
CA ASN A 11 -35.42 20.66 24.48
C ASN A 11 -36.00 20.79 23.08
N PRO A 12 -35.18 20.68 22.04
CA PRO A 12 -35.70 20.78 20.68
C PRO A 12 -36.64 19.64 20.35
N ALA A 13 -37.57 19.91 19.44
CA ALA A 13 -38.51 18.91 18.95
C ALA A 13 -38.04 18.40 17.60
N CYS A 14 -38.07 17.08 17.42
CA CYS A 14 -37.53 16.50 16.21
C CYS A 14 -38.33 16.97 15.00
N PRO A 15 -37.67 17.36 13.90
CA PRO A 15 -38.42 17.88 12.74
C PRO A 15 -39.32 16.86 12.08
N PHE A 16 -39.09 15.56 12.29
CA PHE A 16 -39.83 14.52 11.59
C PHE A 16 -41.00 13.96 12.39
N CYS A 17 -40.91 13.94 13.72
CA CYS A 17 -42.01 13.47 14.55
C CYS A 17 -42.40 14.45 15.66
N GLY A 18 -41.67 15.54 15.83
CA GLY A 18 -42.06 16.55 16.81
C GLY A 18 -42.12 16.01 18.22
N ASP A 19 -41.14 15.22 18.63
CA ASP A 19 -41.08 14.65 19.97
C ASP A 19 -40.03 15.37 20.78
N HIS A 20 -40.43 15.86 21.95
CA HIS A 20 -39.50 16.51 22.88
C HIS A 20 -38.74 15.41 23.61
N VAL A 21 -37.65 14.95 23.00
CA VAL A 21 -36.92 13.80 23.51
C VAL A 21 -35.81 14.20 24.47
N GLY A 22 -35.36 15.46 24.45
CA GLY A 22 -34.33 15.90 25.37
C GLY A 22 -33.34 16.86 24.74
N LYS A 23 -32.11 16.84 25.24
CA LYS A 23 -31.10 17.78 24.77
C LYS A 23 -30.67 17.44 23.35
N PRO A 24 -29.98 18.36 22.67
CA PRO A 24 -29.65 18.13 21.26
C PRO A 24 -28.87 16.85 21.02
N SER A 25 -28.07 16.39 21.98
CA SER A 25 -27.38 15.11 21.81
C SER A 25 -28.39 13.97 21.80
N ALA A 26 -29.33 13.98 22.74
CA ALA A 26 -30.39 12.97 22.74
C ALA A 26 -31.24 13.08 21.47
N LEU A 27 -31.48 14.30 21.01
CA LEU A 27 -32.22 14.48 19.76
C LEU A 27 -31.47 13.86 18.58
N ASN A 28 -30.15 14.07 18.53
CA ASN A 28 -29.36 13.47 17.47
C ASN A 28 -29.41 11.95 17.52
N VAL A 29 -29.32 11.39 18.73
CA VAL A 29 -29.42 9.95 18.89
C VAL A 29 -30.77 9.45 18.38
N HIS A 30 -31.85 10.13 18.78
CA HIS A 30 -33.18 9.72 18.35
C HIS A 30 -33.33 9.84 16.84
N LEU A 31 -32.72 10.86 16.25
CA LEU A 31 -32.82 11.03 14.80
C LEU A 31 -32.11 9.90 14.06
N LYS A 32 -30.91 9.52 14.53
CA LYS A 32 -30.25 8.36 13.95
C LYS A 32 -31.02 7.08 14.28
N ARG A 33 -31.86 7.10 15.30
CA ARG A 33 -32.58 5.91 15.74
C ARG A 33 -33.81 5.64 14.88
N ASN A 34 -34.76 6.57 14.88
CA ASN A 34 -36.06 6.35 14.26
C ASN A 34 -36.23 7.10 12.95
N HIS A 35 -35.17 7.78 12.46
CA HIS A 35 -35.27 8.56 11.24
C HIS A 35 -34.03 8.37 10.37
N GLY A 36 -33.43 7.18 10.40
CA GLY A 36 -32.25 6.94 9.60
C GLY A 36 -32.55 7.09 8.12
N GLY A 37 -31.55 7.56 7.39
CA GLY A 37 -31.67 7.82 5.97
C GLY A 37 -32.17 9.21 5.62
N ARG A 38 -32.74 9.93 6.59
CA ARG A 38 -33.19 11.30 6.38
C ARG A 38 -32.14 12.26 6.93
N GLU A 39 -31.77 13.24 6.11
CA GLU A 39 -30.69 14.16 6.47
C GLU A 39 -31.22 15.24 7.40
N VAL A 40 -30.45 15.53 8.46
CA VAL A 40 -30.74 16.61 9.37
C VAL A 40 -29.48 17.44 9.55
N GLU A 41 -29.66 18.70 9.93
CA GLU A 41 -28.55 19.58 10.23
C GLU A 41 -28.91 20.44 11.42
N PHE A 42 -27.87 20.90 12.12
CA PHE A 42 -28.03 21.78 13.27
C PHE A 42 -27.48 23.15 12.92
N GLN A 43 -28.17 24.19 13.39
CA GLN A 43 -27.90 25.55 12.97
C GLN A 43 -27.68 26.47 14.17
N CYS A 44 -26.83 27.46 13.97
CA CYS A 44 -26.56 28.49 14.97
C CYS A 44 -27.59 29.60 14.75
N SER A 45 -28.55 29.71 15.66
CA SER A 45 -29.69 30.60 15.45
C SER A 45 -29.26 32.05 15.30
N MET A 46 -28.30 32.48 16.13
CA MET A 46 -27.84 33.87 16.09
C MET A 46 -26.87 34.11 14.95
N CYS A 47 -26.45 33.06 14.25
CA CYS A 47 -25.34 33.14 13.31
C CYS A 47 -25.53 32.33 12.04
N ASN A 48 -26.60 31.55 11.93
CA ASN A 48 -26.91 30.79 10.72
C ASN A 48 -25.70 29.94 10.29
N LYS A 49 -25.09 29.27 11.25
CA LYS A 49 -23.97 28.38 11.02
C LYS A 49 -24.46 26.94 11.10
N ALA A 50 -24.29 26.19 10.03
CA ALA A 50 -24.84 24.84 9.91
C ALA A 50 -23.74 23.80 10.10
N ASP A 51 -24.13 22.67 10.67
CA ASP A 51 -23.22 21.53 10.83
C ASP A 51 -24.03 20.27 11.12
N PRO A 52 -23.75 19.16 10.43
CA PRO A 52 -24.50 17.93 10.73
C PRO A 52 -24.32 17.45 12.16
N LYS A 53 -23.17 17.73 12.77
CA LYS A 53 -22.88 17.27 14.13
C LYS A 53 -23.40 18.29 15.11
N ALA A 54 -24.28 17.85 16.02
CA ALA A 54 -24.89 18.76 16.97
C ALA A 54 -23.85 19.37 17.90
N HIS A 55 -22.91 18.56 18.38
CA HIS A 55 -21.96 19.04 19.37
C HIS A 55 -21.08 20.16 18.82
N SER A 56 -20.82 20.15 17.51
CA SER A 56 -20.06 21.24 16.92
C SER A 56 -20.76 22.59 17.13
N ILE A 57 -22.04 22.65 16.76
CA ILE A 57 -22.81 23.88 16.95
C ILE A 57 -22.92 24.20 18.44
N LEU A 58 -23.08 23.17 19.27
CA LEU A 58 -23.22 23.40 20.71
C LEU A 58 -21.98 24.06 21.28
N CYS A 59 -20.80 23.59 20.91
CA CYS A 59 -19.56 24.21 21.35
C CYS A 59 -19.32 25.55 20.67
N HIS A 60 -19.92 25.77 19.49
CA HIS A 60 -19.75 27.04 18.80
C HIS A 60 -20.57 28.15 19.45
N ILE A 61 -21.77 27.83 19.95
CA ILE A 61 -22.66 28.87 20.47
C ILE A 61 -21.95 29.77 21.47
N PRO A 62 -21.27 29.24 22.50
CA PRO A 62 -20.59 30.16 23.44
C PRO A 62 -19.55 31.05 22.78
N LYS A 63 -18.85 30.54 21.76
CA LYS A 63 -17.84 31.33 21.07
C LYS A 63 -18.44 32.28 20.05
N CYS A 64 -19.69 32.09 19.67
CA CYS A 64 -20.31 32.92 18.65
C CYS A 64 -20.43 34.35 19.12
N LYS A 65 -20.36 35.28 18.17
CA LYS A 65 -20.45 36.72 18.46
C LYS A 65 -21.48 37.32 17.50
N GLY A 66 -22.74 37.27 17.91
CA GLY A 66 -23.79 37.90 17.11
C GLY A 66 -23.89 37.31 15.72
N LYS A 67 -24.07 38.18 14.73
CA LYS A 67 -24.40 37.78 13.37
C LYS A 67 -23.12 37.83 12.55
N VAL A 68 -22.33 36.77 12.66
CA VAL A 68 -20.99 36.72 12.04
C VAL A 68 -21.16 36.14 10.63
N THR A 69 -21.61 36.97 9.71
CA THR A 69 -21.59 36.59 8.30
C THR A 69 -21.14 37.71 7.36
N GLU A 70 -20.83 38.91 7.87
CA GLU A 70 -20.49 40.01 7.00
C GLU A 70 -19.28 39.65 6.13
N GLU A 71 -19.41 39.92 4.83
CA GLU A 71 -18.32 39.62 3.92
C GLU A 71 -17.19 40.64 4.08
N PRO A 72 -15.95 40.26 3.75
CA PRO A 72 -14.83 41.20 3.89
C PRO A 72 -14.85 42.27 2.79
N THR A 73 -15.62 43.33 3.01
CA THR A 73 -15.77 44.36 1.99
C THR A 73 -14.42 44.94 1.58
N GLY A 74 -14.27 45.17 0.28
CA GLY A 74 -13.06 45.73 -0.28
C GLY A 74 -13.24 46.09 -1.73
N ASP A 75 -12.57 47.16 -2.19
CA ASP A 75 -12.82 47.66 -3.54
C ASP A 75 -12.20 46.76 -4.61
N TRP A 76 -11.26 45.88 -4.24
CA TRP A 76 -10.71 44.91 -5.17
C TRP A 76 -11.54 43.63 -5.07
N ALA A 77 -12.36 43.37 -6.09
CA ALA A 77 -13.29 42.24 -6.09
C ALA A 77 -12.87 41.21 -7.12
N CYS A 78 -12.98 39.94 -6.76
CA CYS A 78 -12.63 38.85 -7.65
C CYS A 78 -13.72 38.65 -8.69
N GLU A 79 -13.31 38.54 -9.95
CA GLU A 79 -14.28 38.50 -11.04
C GLU A 79 -15.19 37.29 -10.95
N THR A 80 -14.64 36.10 -10.67
CA THR A 80 -15.42 34.88 -10.81
C THR A 80 -16.31 34.63 -9.60
N CYS A 81 -15.71 34.42 -8.43
CA CYS A 81 -16.46 34.09 -7.23
C CYS A 81 -16.89 35.31 -6.43
N ASN A 82 -16.47 36.50 -6.83
CA ASN A 82 -16.90 37.75 -6.21
C ASN A 82 -16.57 37.77 -4.71
N LYS A 83 -15.28 37.65 -4.43
CA LYS A 83 -14.74 37.92 -3.10
C LYS A 83 -14.05 39.29 -3.12
N GLN A 84 -14.17 40.00 -2.00
CA GLN A 84 -13.71 41.38 -1.91
C GLN A 84 -12.43 41.47 -1.09
N PHE A 85 -11.50 42.30 -1.55
CA PHE A 85 -10.24 42.51 -0.87
C PHE A 85 -9.87 43.98 -0.96
N ASN A 86 -9.06 44.42 0.00
CA ASN A 86 -8.71 45.83 0.13
C ASN A 86 -7.35 46.16 -0.48
N THR A 87 -6.75 45.23 -1.20
CA THR A 87 -5.46 45.48 -1.84
C THR A 87 -5.36 44.67 -3.12
N LYS A 88 -4.70 45.27 -4.12
CA LYS A 88 -4.50 44.58 -5.39
C LYS A 88 -3.70 43.30 -5.18
N SER A 89 -2.66 43.36 -4.35
CA SER A 89 -1.86 42.17 -4.08
C SER A 89 -2.72 41.08 -3.44
N GLY A 90 -3.62 41.46 -2.55
CA GLY A 90 -4.50 40.47 -1.94
C GLY A 90 -5.41 39.82 -2.95
N LEU A 91 -5.98 40.60 -3.87
CA LEU A 91 -6.83 40.03 -4.90
C LEU A 91 -6.04 39.09 -5.81
N SER A 92 -4.82 39.48 -6.16
CA SER A 92 -3.99 38.59 -6.98
C SER A 92 -3.65 37.32 -6.23
N GLN A 93 -3.40 37.41 -4.92
CA GLN A 93 -3.14 36.22 -4.12
C GLN A 93 -4.35 35.29 -4.11
N HIS A 94 -5.55 35.86 -3.97
CA HIS A 94 -6.75 35.03 -3.98
C HIS A 94 -6.94 34.36 -5.34
N LYS A 95 -6.75 35.12 -6.43
CA LYS A 95 -6.86 34.53 -7.75
C LYS A 95 -5.82 33.43 -7.96
N ARG A 96 -4.65 33.61 -7.36
CA ARG A 96 -3.60 32.59 -7.45
C ARG A 96 -4.00 31.32 -6.71
N ILE A 97 -4.47 31.45 -5.48
CA ILE A 97 -4.76 30.27 -4.68
C ILE A 97 -5.98 29.54 -5.23
N ALA A 98 -7.04 30.28 -5.56
CA ALA A 98 -8.34 29.68 -5.87
C ALA A 98 -8.58 29.49 -7.36
N HIS A 99 -8.15 30.42 -8.20
CA HIS A 99 -8.35 30.30 -9.64
C HIS A 99 -7.00 30.14 -10.33
N PRO A 100 -6.36 28.97 -10.19
CA PRO A 100 -5.01 28.81 -10.75
C PRO A 100 -4.92 29.11 -12.23
N ALA A 101 -5.91 28.73 -13.02
CA ALA A 101 -5.84 28.99 -14.46
C ALA A 101 -5.90 30.47 -14.77
N ILE A 102 -6.79 31.21 -14.10
CA ILE A 102 -6.90 32.64 -14.33
C ILE A 102 -5.62 33.34 -13.90
N ARG A 103 -5.05 32.93 -12.76
CA ARG A 103 -3.81 33.54 -12.32
C ARG A 103 -2.67 33.23 -13.28
N ASN A 104 -2.63 32.01 -13.82
CA ASN A 104 -1.61 31.67 -14.80
C ASN A 104 -1.75 32.54 -16.05
N GLN A 105 -2.99 32.76 -16.50
CA GLN A 105 -3.20 33.64 -17.64
C GLN A 105 -2.74 35.06 -17.33
N GLU A 106 -3.02 35.54 -16.12
CA GLU A 106 -2.54 36.87 -15.72
C GLU A 106 -1.02 36.92 -15.70
N ARG A 107 -0.38 35.85 -15.20
CA ARG A 107 1.08 35.78 -15.21
C ARG A 107 1.62 35.89 -16.62
N ILE A 108 1.01 35.15 -17.55
CA ILE A 108 1.48 35.18 -18.93
C ILE A 108 1.25 36.57 -19.53
N ALA A 109 0.10 37.19 -19.24
CA ALA A 109 -0.17 38.53 -19.74
C ALA A 109 0.86 39.52 -19.23
N ALA A 110 1.20 39.44 -17.94
CA ALA A 110 2.27 40.29 -17.41
C ALA A 110 3.59 40.00 -18.10
N SER A 111 3.88 38.72 -18.35
CA SER A 111 5.11 38.37 -19.04
C SER A 111 5.14 38.95 -20.46
N GLN A 112 4.02 38.84 -21.18
CA GLN A 112 3.97 39.43 -22.51
C GLN A 112 4.20 40.93 -22.39
N PRO A 113 5.36 41.43 -22.83
CA PRO A 113 5.69 42.84 -22.56
C PRO A 113 4.68 43.80 -23.18
N LYS A 114 4.51 43.73 -24.50
CA LYS A 114 3.54 44.52 -25.22
C LYS A 114 3.55 46.01 -24.85
N PRO A 115 4.74 46.66 -24.89
CA PRO A 115 4.76 48.11 -24.69
C PRO A 115 4.73 48.87 -26.01
N ASN A 116 5.07 48.17 -27.10
CA ASN A 116 5.25 48.80 -28.41
C ASN A 116 6.07 50.08 -28.31
N SER A 117 7.01 50.12 -27.37
CA SER A 117 7.81 51.32 -27.15
C SER A 117 9.27 51.02 -26.82
N GLN A 118 9.74 49.79 -27.01
CA GLN A 118 11.13 49.43 -26.75
C GLN A 118 11.97 49.76 -27.99
N ARG A 119 12.17 51.06 -28.19
CA ARG A 119 13.05 51.56 -29.25
C ARG A 119 14.20 52.39 -28.72
N GLY A 120 13.90 53.42 -27.94
CA GLY A 120 14.90 54.39 -27.53
C GLY A 120 14.81 55.76 -28.20
N LYS A 121 13.63 56.19 -28.66
CA LYS A 121 13.34 57.52 -29.20
C LYS A 121 14.13 57.82 -30.47
N HIS A 122 14.85 56.86 -31.03
CA HIS A 122 15.66 57.12 -32.20
C HIS A 122 14.92 56.79 -33.49
N ASN A 123 13.67 56.34 -33.39
CA ASN A 123 12.85 56.08 -34.57
C ASN A 123 12.83 57.29 -35.49
N SER A 124 12.85 57.03 -36.79
CA SER A 124 12.85 58.06 -37.82
C SER A 124 11.55 58.01 -38.63
N CYS A 125 11.47 58.83 -39.67
CA CYS A 125 10.28 58.98 -40.50
C CYS A 125 10.28 58.04 -41.70
N TRP A 126 11.01 56.93 -41.62
CA TRP A 126 10.98 55.95 -42.70
C TRP A 126 9.59 55.32 -42.81
N THR A 127 9.21 55.00 -44.04
CA THR A 127 7.88 54.47 -44.33
C THR A 127 7.97 52.99 -44.69
N VAL A 128 6.97 52.22 -44.24
CA VAL A 128 6.99 50.77 -44.41
C VAL A 128 6.99 50.41 -45.90
N GLU A 129 6.18 51.10 -46.70
CA GLU A 129 6.12 50.79 -48.12
C GLU A 129 7.48 50.99 -48.78
N GLU A 130 8.17 52.08 -48.43
CA GLU A 130 9.51 52.31 -48.94
C GLU A 130 10.46 51.21 -48.47
N GLU A 131 10.32 50.78 -47.21
CA GLU A 131 11.16 49.71 -46.71
C GLU A 131 10.97 48.44 -47.53
N GLN A 132 9.72 48.07 -47.81
CA GLN A 132 9.46 46.85 -48.57
C GLN A 132 9.96 46.97 -50.01
N LEU A 133 9.75 48.13 -50.64
CA LEU A 133 10.23 48.31 -52.00
C LEU A 133 11.75 48.24 -52.07
N LEU A 134 12.44 48.85 -51.10
CA LEU A 134 13.89 48.75 -51.05
C LEU A 134 14.32 47.31 -50.84
N ALA A 135 13.60 46.58 -49.97
CA ALA A 135 13.87 45.16 -49.77
C ALA A 135 13.84 44.41 -51.09
N ALA A 136 12.75 44.58 -51.85
CA ALA A 136 12.61 43.87 -53.11
C ALA A 136 13.70 44.27 -54.10
N PHE A 137 13.98 45.57 -54.20
CA PHE A 137 14.94 46.03 -55.20
C PHE A 137 16.34 45.51 -54.91
N ASN A 138 16.78 45.60 -53.66
CA ASN A 138 18.11 45.10 -53.31
C ASN A 138 18.20 43.58 -53.45
N ASN A 139 17.12 42.86 -53.13
CA ASN A 139 17.07 41.47 -53.59
C ASN A 139 17.32 41.41 -55.09
N MET A 140 16.78 42.38 -55.83
CA MET A 140 17.05 42.51 -57.25
C MET A 140 18.41 43.14 -57.53
N PHE A 141 18.90 44.00 -56.64
CA PHE A 141 20.14 44.76 -56.85
C PHE A 141 21.30 44.22 -56.04
N TRP A 142 21.40 42.89 -55.92
CA TRP A 142 22.46 42.28 -55.10
C TRP A 142 23.82 42.56 -55.73
N GLY A 143 24.51 43.58 -55.23
CA GLY A 143 25.87 43.88 -55.63
C GLY A 143 26.16 43.69 -57.10
N LYS A 144 25.27 44.17 -57.96
CA LYS A 144 25.36 43.97 -59.40
C LYS A 144 25.41 45.33 -60.08
N LYS A 145 26.34 45.47 -61.03
CA LYS A 145 26.73 46.77 -61.58
C LYS A 145 25.50 47.66 -61.80
N ASN A 146 25.68 48.95 -61.53
CA ASN A 146 24.58 49.91 -61.47
C ASN A 146 23.65 49.55 -60.31
N ILE A 147 24.24 49.57 -59.11
CA ILE A 147 23.59 49.01 -57.93
C ILE A 147 22.67 50.00 -57.21
N ASN A 148 22.80 51.30 -57.47
CA ASN A 148 21.96 52.30 -56.82
C ASN A 148 20.85 52.78 -57.75
N ILE A 149 21.22 53.34 -58.91
CA ILE A 149 20.31 53.82 -59.95
C ILE A 149 18.95 54.18 -59.35
N LEU A 150 18.08 53.17 -59.20
CA LEU A 150 16.74 53.42 -58.70
C LEU A 150 16.77 53.85 -57.24
N ILE A 151 17.56 53.17 -56.42
CA ILE A 151 17.50 53.32 -54.96
C ILE A 151 17.64 54.79 -54.58
N SER A 152 18.54 55.51 -55.26
CA SER A 152 18.85 56.88 -54.85
C SER A 152 17.63 57.79 -54.96
N ASP A 153 16.84 57.66 -56.02
CA ASP A 153 15.76 58.59 -56.31
C ASP A 153 14.37 57.99 -56.15
N HIS A 154 14.16 56.72 -56.51
CA HIS A 154 12.84 56.12 -56.39
C HIS A 154 12.23 56.36 -55.01
N ILE A 155 13.06 56.32 -53.97
CA ILE A 155 12.59 56.68 -52.64
C ILE A 155 12.64 58.19 -52.54
N HIS A 156 11.55 58.85 -52.94
CA HIS A 156 11.53 60.31 -52.95
C HIS A 156 11.72 60.84 -51.55
N MET A 157 12.46 61.95 -51.44
CA MET A 157 12.82 62.54 -50.16
C MET A 157 13.58 61.51 -49.33
N LYS A 158 14.77 61.16 -49.83
CA LYS A 158 15.69 60.28 -49.12
C LYS A 158 17.10 60.48 -49.67
N THR A 159 18.07 59.99 -48.90
CA THR A 159 19.48 59.97 -49.32
C THR A 159 20.00 58.55 -49.22
N ALA A 160 21.01 58.22 -50.03
CA ALA A 160 21.62 56.90 -49.93
C ALA A 160 22.11 56.65 -48.52
N LYS A 161 22.43 57.72 -47.79
CA LYS A 161 22.77 57.58 -46.38
C LYS A 161 21.58 57.10 -45.56
N GLN A 162 20.38 57.63 -45.84
CA GLN A 162 19.19 57.13 -45.16
C GLN A 162 18.92 55.68 -45.51
N ILE A 163 19.20 55.30 -46.76
CA ILE A 163 19.09 53.90 -47.17
C ILE A 163 20.03 53.05 -46.33
N SER A 164 21.27 53.53 -46.15
CA SER A 164 22.22 52.81 -45.30
C SER A 164 21.69 52.69 -43.88
N GLU A 165 21.08 53.75 -43.36
CA GLU A 165 20.50 53.71 -42.02
C GLU A 165 19.46 52.60 -41.91
N LYS A 166 18.50 52.60 -42.84
CA LYS A 166 17.41 51.62 -42.73
C LYS A 166 17.91 50.20 -42.94
N ARG A 167 18.90 50.01 -43.81
CA ARG A 167 19.52 48.70 -43.95
C ARG A 167 20.20 48.27 -42.66
N ARG A 168 20.92 49.20 -42.01
CA ARG A 168 21.55 48.90 -40.74
C ARG A 168 20.52 48.53 -39.68
N LEU A 169 19.30 49.05 -39.81
CA LEU A 169 18.22 48.55 -38.97
C LEU A 169 17.90 47.10 -39.30
N LEU A 170 17.87 46.74 -40.58
CA LEU A 170 17.46 45.41 -41.03
C LEU A 170 18.36 44.99 -42.19
N GLY A 171 19.43 44.26 -41.86
CA GLY A 171 20.35 43.73 -42.86
C GLY A 171 21.75 44.31 -42.81
N LEU A 172 21.99 45.38 -42.06
CA LEU A 172 23.31 45.99 -42.05
C LEU A 172 23.79 46.30 -43.46
N ASN A 173 24.62 45.40 -44.01
CA ASN A 173 25.15 45.62 -45.35
C ASN A 173 24.05 45.69 -46.38
N LYS A 174 22.98 44.94 -46.18
CA LYS A 174 21.93 44.73 -47.15
C LYS A 174 20.61 44.89 -46.42
N ASN A 175 19.54 44.36 -47.02
CA ASN A 175 18.27 44.23 -46.34
C ASN A 175 18.24 43.01 -45.44
N ALA A 176 17.09 42.79 -44.82
CA ALA A 176 16.83 41.62 -44.01
C ALA A 176 15.95 40.66 -44.80
N THR A 177 16.51 39.53 -45.20
CA THR A 177 15.75 38.42 -45.75
C THR A 177 15.45 37.45 -44.61
N VAL A 178 14.18 37.18 -44.38
CA VAL A 178 13.75 36.45 -43.19
C VAL A 178 13.69 34.97 -43.54
N THR A 179 14.54 34.18 -42.88
CA THR A 179 14.58 32.73 -43.08
C THR A 179 15.01 32.11 -41.75
N THR A 180 14.08 31.42 -41.10
CA THR A 180 14.30 30.92 -39.75
C THR A 180 13.69 29.52 -39.66
N THR A 181 13.48 29.04 -38.43
CA THR A 181 12.90 27.74 -38.14
C THR A 181 13.97 26.65 -38.10
N ASN A 182 13.81 25.70 -37.18
CA ASN A 182 14.77 24.65 -36.90
C ASN A 182 14.57 23.45 -37.83
N PRO A 183 15.57 22.59 -37.95
CA PRO A 183 15.45 21.42 -38.83
C PRO A 183 14.80 20.23 -38.15
N LEU A 184 14.11 19.43 -38.97
CA LEU A 184 13.34 18.28 -38.50
C LEU A 184 14.21 17.05 -38.26
N PRO A 185 15.03 16.62 -39.24
CA PRO A 185 15.74 15.35 -39.09
C PRO A 185 17.01 15.45 -38.26
N VAL A 186 16.88 15.38 -36.93
CA VAL A 186 18.02 15.53 -36.03
C VAL A 186 18.13 14.34 -35.09
N SER A 187 17.68 13.17 -35.52
CA SER A 187 17.77 11.95 -34.71
C SER A 187 18.78 10.96 -35.27
N SER A 188 18.58 10.49 -36.50
CA SER A 188 19.53 9.61 -37.18
C SER A 188 19.98 8.46 -36.27
N THR A 189 19.02 7.60 -35.94
CA THR A 189 19.26 6.44 -35.08
C THR A 189 18.73 5.16 -35.73
N CYS A 190 18.95 5.01 -37.03
CA CYS A 190 18.39 3.89 -37.78
C CYS A 190 19.40 3.31 -38.76
N HIS A 191 20.64 3.11 -38.31
CA HIS A 191 21.69 2.64 -39.21
C HIS A 191 22.55 1.60 -38.48
N LEU A 192 23.67 1.22 -39.12
CA LEU A 192 24.76 0.49 -38.49
C LEU A 192 24.27 -0.70 -37.67
N LYS A 193 23.71 -1.67 -38.38
CA LYS A 193 23.39 -2.94 -37.75
C LYS A 193 24.67 -3.65 -37.33
N ILE A 194 24.66 -4.23 -36.13
CA ILE A 194 25.88 -4.74 -35.51
C ILE A 194 25.94 -6.26 -35.49
N ARG A 195 24.81 -6.95 -35.56
CA ARG A 195 24.80 -8.40 -35.39
C ARG A 195 25.65 -9.07 -36.47
N THR A 196 26.73 -9.73 -36.04
CA THR A 196 27.62 -10.47 -36.92
C THR A 196 27.63 -11.96 -36.62
N ASP A 197 27.86 -12.33 -35.36
CA ASP A 197 27.91 -13.72 -34.94
C ASP A 197 27.35 -13.81 -33.53
N SER A 198 27.54 -14.95 -32.88
CA SER A 198 26.99 -15.16 -31.55
C SER A 198 27.54 -14.09 -30.60
N PRO A 199 26.69 -13.46 -29.79
CA PRO A 199 27.17 -12.41 -28.88
C PRO A 199 28.30 -12.91 -27.98
N ASN A 200 28.02 -13.95 -27.21
CA ASN A 200 29.03 -14.65 -26.43
C ASN A 200 29.45 -15.90 -27.19
N THR A 201 30.60 -16.45 -26.79
CA THR A 201 31.07 -17.71 -27.36
C THR A 201 29.92 -18.69 -27.50
N THR A 202 29.75 -19.22 -28.73
CA THR A 202 28.57 -20.02 -29.03
C THR A 202 28.40 -21.16 -28.02
N THR A 203 29.50 -21.73 -27.54
CA THR A 203 29.49 -22.73 -26.50
C THR A 203 29.97 -22.17 -25.16
N GLY A 204 29.87 -20.86 -24.97
CA GLY A 204 30.38 -20.25 -23.75
C GLY A 204 29.78 -20.86 -22.50
N LEU A 205 28.46 -21.01 -22.49
CA LEU A 205 27.81 -21.71 -21.39
C LEU A 205 27.81 -23.22 -21.60
N LYS A 206 27.75 -23.67 -22.86
CA LYS A 206 27.79 -25.10 -23.11
C LYS A 206 29.14 -25.71 -22.69
N ASP A 207 30.24 -25.00 -22.96
CA ASP A 207 31.54 -25.51 -22.53
C ASP A 207 31.63 -25.60 -21.01
N THR A 208 31.17 -24.56 -20.32
CA THR A 208 31.20 -24.58 -18.86
C THR A 208 30.31 -25.69 -18.32
N TYR A 209 29.14 -25.89 -18.92
CA TYR A 209 28.26 -26.96 -18.49
C TYR A 209 28.90 -28.32 -18.72
N MET A 210 29.55 -28.52 -19.87
CA MET A 210 30.21 -29.78 -20.13
C MET A 210 31.32 -30.03 -19.11
N CYS A 211 32.11 -29.00 -18.81
CA CYS A 211 33.16 -29.16 -17.81
C CYS A 211 32.57 -29.52 -16.45
N LYS A 212 31.51 -28.82 -16.04
CA LYS A 212 30.91 -29.09 -14.74
C LYS A 212 30.31 -30.48 -14.67
N ILE A 213 29.67 -30.93 -15.75
CA ILE A 213 29.05 -32.24 -15.74
C ILE A 213 30.11 -33.33 -15.75
N ASN A 214 31.21 -33.11 -16.49
CA ASN A 214 32.32 -34.06 -16.42
C ASN A 214 32.88 -34.15 -15.01
N GLU A 215 33.06 -33.00 -14.35
CA GLU A 215 33.53 -33.01 -12.97
C GLU A 215 32.56 -33.75 -12.07
N ASN A 216 31.26 -33.52 -12.26
CA ASN A 216 30.26 -34.18 -11.43
C ASN A 216 30.29 -35.69 -11.63
N ILE A 217 30.43 -36.14 -12.88
CA ILE A 217 30.47 -37.57 -13.16
C ILE A 217 31.73 -38.18 -12.54
N VAL A 218 32.87 -37.52 -12.70
CA VAL A 218 34.12 -38.07 -12.16
C VAL A 218 34.06 -38.14 -10.64
N ASN A 219 33.64 -37.05 -10.00
CA ASN A 219 33.63 -36.95 -8.55
C ASN A 219 32.27 -37.27 -7.94
N GLN A 220 31.29 -37.67 -8.75
CA GLN A 220 29.95 -37.98 -8.25
C GLN A 220 29.40 -36.83 -7.43
N GLY A 221 29.40 -35.63 -8.02
CA GLY A 221 28.95 -34.45 -7.33
C GLY A 221 27.44 -34.48 -7.10
N GLN A 222 26.97 -33.43 -6.42
CA GLN A 222 25.57 -33.33 -6.02
C GLN A 222 24.71 -32.64 -7.07
N ILE A 223 25.28 -32.22 -8.21
CA ILE A 223 24.48 -31.65 -9.28
C ILE A 223 23.60 -32.75 -9.86
N LYS A 224 22.31 -32.47 -9.98
CA LYS A 224 21.31 -33.48 -10.35
C LYS A 224 20.85 -33.27 -11.79
N PHE A 225 20.78 -34.36 -12.53
CA PHE A 225 20.35 -34.35 -13.92
C PHE A 225 20.18 -35.79 -14.38
N ASP A 226 19.27 -36.01 -15.32
CA ASP A 226 19.10 -37.35 -15.87
C ASP A 226 20.33 -37.73 -16.67
N SER A 227 20.93 -38.88 -16.34
CA SER A 227 22.20 -39.26 -16.95
C SER A 227 22.07 -39.43 -18.45
N GLU A 228 21.02 -40.13 -18.89
CA GLU A 228 20.91 -40.50 -20.30
C GLU A 228 20.76 -39.26 -21.18
N VAL A 229 19.98 -38.28 -20.74
CA VAL A 229 19.70 -37.14 -21.61
C VAL A 229 20.93 -36.25 -21.78
N ILE A 230 21.64 -35.95 -20.70
CA ILE A 230 22.86 -35.17 -20.86
C ILE A 230 23.94 -36.00 -21.57
N SER A 231 23.95 -37.31 -21.39
CA SER A 231 24.89 -38.13 -22.13
C SER A 231 24.64 -38.03 -23.63
N ALA A 232 23.37 -38.08 -24.04
CA ALA A 232 23.04 -37.92 -25.44
C ALA A 232 23.37 -36.51 -25.92
N TRP A 233 23.13 -35.51 -25.07
CA TRP A 233 23.44 -34.13 -25.43
C TRP A 233 24.92 -33.95 -25.70
N MET A 234 25.77 -34.55 -24.86
CA MET A 234 27.20 -34.47 -25.09
C MET A 234 27.60 -35.12 -26.39
N ALA A 235 26.99 -36.26 -26.71
CA ALA A 235 27.31 -37.02 -27.90
C ALA A 235 26.79 -36.38 -29.18
N GLY A 236 26.28 -35.16 -29.15
CA GLY A 236 25.74 -34.54 -30.34
C GLY A 236 24.50 -35.26 -30.85
N ASP A 237 23.66 -35.75 -29.96
CA ASP A 237 22.48 -36.49 -30.37
C ASP A 237 21.56 -35.59 -31.20
N SER A 238 21.04 -36.15 -32.29
CA SER A 238 20.17 -35.40 -33.18
C SER A 238 18.76 -35.24 -32.62
N ASN A 239 18.27 -36.24 -31.91
CA ASN A 239 16.90 -36.25 -31.40
C ASN A 239 16.85 -35.96 -29.90
N ILE A 240 17.73 -35.06 -29.42
CA ILE A 240 17.73 -34.74 -28.00
C ILE A 240 16.37 -34.18 -27.57
N ARG A 241 15.67 -33.52 -28.48
CA ARG A 241 14.37 -32.94 -28.14
C ARG A 241 13.40 -34.02 -27.67
N SER A 242 13.27 -35.11 -28.42
CA SER A 242 12.33 -36.16 -28.06
C SER A 242 12.71 -36.80 -26.73
N LEU A 243 14.00 -37.06 -26.53
CA LEU A 243 14.44 -37.73 -25.30
C LEU A 243 14.22 -36.85 -24.08
N VAL A 244 14.57 -35.56 -24.17
CA VAL A 244 14.32 -34.66 -23.05
C VAL A 244 12.83 -34.49 -22.83
N GLU A 245 12.03 -34.50 -23.90
CA GLU A 245 10.58 -34.42 -23.73
C GLU A 245 10.05 -35.63 -22.97
N SER A 246 10.56 -36.82 -23.29
CA SER A 246 10.13 -38.03 -22.58
C SER A 246 10.50 -37.97 -21.11
N THR A 247 11.77 -37.61 -20.83
CA THR A 247 12.19 -37.52 -19.44
C THR A 247 11.38 -36.48 -18.67
N SER A 248 11.14 -35.32 -19.29
CA SER A 248 10.26 -34.33 -18.70
C SER A 248 8.90 -34.95 -18.40
N LEU A 249 8.20 -35.39 -19.43
CA LEU A 249 6.88 -36.02 -19.27
C LEU A 249 6.88 -36.96 -18.07
N ASP A 250 7.93 -37.77 -17.91
CA ASP A 250 7.99 -38.67 -16.76
C ASP A 250 8.01 -37.91 -15.45
N ILE A 251 8.93 -36.95 -15.32
CA ILE A 251 9.05 -36.22 -14.05
C ILE A 251 7.78 -35.44 -13.77
N LEU A 252 7.20 -34.82 -14.80
CA LEU A 252 5.97 -34.07 -14.64
C LEU A 252 4.82 -34.98 -14.22
N SER A 253 4.74 -36.17 -14.80
CA SER A 253 3.74 -37.15 -14.36
C SER A 253 3.92 -37.46 -12.88
N THR A 254 5.16 -37.52 -12.43
CA THR A 254 5.39 -37.60 -10.99
C THR A 254 4.83 -36.37 -10.29
N PHE A 255 5.04 -35.18 -10.87
CA PHE A 255 4.48 -33.95 -10.32
C PHE A 255 2.98 -33.82 -10.61
N LEU A 256 2.49 -34.47 -11.65
CA LEU A 256 1.07 -34.39 -11.99
C LEU A 256 0.26 -35.34 -11.07
N MET A 257 0.34 -35.04 -9.77
CA MET A 257 -0.33 -35.86 -8.78
C MET A 257 -1.80 -36.00 -9.12
N GLU A 258 -2.44 -37.05 -8.61
CA GLU A 258 -3.89 -37.12 -8.65
C GLU A 258 -4.40 -36.11 -7.62
N THR A 259 -4.21 -34.82 -7.92
CA THR A 259 -4.36 -33.73 -6.97
C THR A 259 -5.55 -33.96 -6.05
N PRO A 260 -5.41 -33.70 -4.76
CA PRO A 260 -6.49 -34.04 -3.82
C PRO A 260 -7.83 -33.53 -4.31
N LYS A 261 -8.80 -34.44 -4.39
CA LYS A 261 -10.12 -34.04 -4.82
C LYS A 261 -10.69 -33.02 -3.83
N PRO A 262 -11.54 -32.09 -4.30
CA PRO A 262 -11.91 -30.95 -3.45
C PRO A 262 -12.29 -31.35 -2.04
N ARG A 263 -11.49 -30.91 -1.07
CA ARG A 263 -11.76 -31.15 0.35
C ARG A 263 -12.22 -29.89 1.06
N LYS A 264 -12.59 -28.85 0.31
CA LYS A 264 -12.99 -27.57 0.88
C LYS A 264 -14.27 -27.74 1.72
N LYS A 265 -14.12 -27.68 3.04
CA LYS A 265 -15.24 -27.84 3.95
C LYS A 265 -15.40 -26.60 4.82
N LYS A 280 -46.92 -10.11 2.55
CA LYS A 280 -47.53 -11.36 2.13
C LYS A 280 -46.49 -12.47 2.16
N TRP A 281 -46.76 -13.58 1.46
CA TRP A 281 -45.71 -14.58 1.27
C TRP A 281 -44.42 -13.94 0.82
N MET A 282 -44.49 -12.79 0.14
CA MET A 282 -43.28 -12.09 -0.28
C MET A 282 -42.71 -11.46 0.99
N GLU A 283 -41.56 -11.96 1.41
CA GLU A 283 -40.80 -11.35 2.50
C GLU A 283 -39.36 -11.15 2.02
N LYS A 284 -38.90 -9.90 2.06
CA LYS A 284 -37.52 -9.60 1.70
C LYS A 284 -36.52 -10.16 2.71
N ARG A 285 -36.99 -10.79 3.79
CA ARG A 285 -36.08 -11.39 4.75
C ARG A 285 -35.04 -12.25 4.05
N ALA A 286 -35.47 -13.08 3.08
CA ALA A 286 -34.53 -13.93 2.39
C ALA A 286 -33.35 -13.12 1.86
N VAL A 287 -33.62 -12.03 1.15
CA VAL A 287 -32.53 -11.24 0.60
C VAL A 287 -31.57 -10.87 1.72
N LYS A 288 -32.09 -10.29 2.80
CA LYS A 288 -31.22 -9.88 3.88
C LYS A 288 -30.43 -11.08 4.39
N LYS A 289 -31.11 -12.18 4.69
CA LYS A 289 -30.39 -13.37 5.15
C LYS A 289 -29.29 -13.70 4.17
N GLY A 290 -29.63 -13.77 2.88
CA GLY A 290 -28.62 -14.12 1.89
C GLY A 290 -27.42 -13.22 2.01
N PHE A 291 -27.65 -11.90 2.01
CA PHE A 291 -26.53 -10.98 2.10
C PHE A 291 -25.69 -11.31 3.32
N TYR A 292 -26.34 -11.39 4.49
CA TYR A 292 -25.59 -11.70 5.70
C TYR A 292 -24.80 -12.98 5.50
N LYS A 293 -25.47 -14.04 5.04
CA LYS A 293 -24.75 -15.29 4.85
C LYS A 293 -23.52 -15.05 4.01
N ARG A 294 -23.71 -14.46 2.82
CA ARG A 294 -22.58 -14.23 1.94
C ARG A 294 -21.45 -13.58 2.70
N TYR A 295 -21.73 -12.43 3.31
CA TYR A 295 -20.64 -11.68 3.92
C TYR A 295 -19.99 -12.51 5.02
N GLN A 296 -20.80 -13.13 5.87
CA GLN A 296 -20.20 -13.90 6.96
C GLN A 296 -19.35 -15.01 6.40
N HIS A 297 -19.83 -15.69 5.36
CA HIS A 297 -19.04 -16.75 4.76
C HIS A 297 -17.72 -16.19 4.26
N LEU A 298 -17.78 -15.07 3.54
CA LEU A 298 -16.55 -14.48 3.02
C LEU A 298 -15.65 -14.02 4.16
N PHE A 299 -16.23 -13.67 5.30
CA PHE A 299 -15.41 -13.35 6.46
C PHE A 299 -14.72 -14.60 6.98
N GLU A 300 -15.47 -15.71 7.07
CA GLU A 300 -14.89 -16.95 7.57
C GLU A 300 -13.85 -17.49 6.60
N THR A 301 -14.20 -17.60 5.32
CA THR A 301 -13.25 -17.95 4.29
C THR A 301 -12.41 -16.71 3.94
N ASP A 302 -11.71 -16.73 2.82
CA ASP A 302 -10.90 -15.59 2.45
C ASP A 302 -11.72 -14.32 2.47
N ARG A 303 -11.17 -13.28 3.10
CA ARG A 303 -11.87 -12.02 3.28
C ARG A 303 -11.19 -10.86 2.56
N CYS A 304 -10.15 -11.13 1.79
CA CYS A 304 -9.67 -10.14 0.83
C CYS A 304 -10.76 -9.84 -0.20
N LYS A 305 -11.47 -10.88 -0.63
CA LYS A 305 -12.63 -10.67 -1.51
C LYS A 305 -13.70 -9.88 -0.80
N LEU A 306 -13.95 -10.17 0.48
CA LEU A 306 -14.95 -9.40 1.22
C LEU A 306 -14.54 -7.94 1.33
N ALA A 307 -13.28 -7.68 1.62
CA ALA A 307 -12.81 -6.30 1.70
C ALA A 307 -12.95 -5.61 0.35
N SER A 308 -12.59 -6.30 -0.73
CA SER A 308 -12.77 -5.70 -2.05
C SER A 308 -14.23 -5.36 -2.31
N ILE A 309 -15.13 -6.32 -2.06
CA ILE A 309 -16.54 -6.11 -2.33
C ILE A 309 -17.06 -4.91 -1.54
N ILE A 310 -16.73 -4.84 -0.25
CA ILE A 310 -17.27 -3.79 0.60
C ILE A 310 -16.64 -2.46 0.24
N LEU A 311 -15.32 -2.34 0.39
CA LEU A 311 -14.66 -1.06 0.20
C LEU A 311 -14.85 -0.53 -1.21
N ASP A 312 -14.54 -1.36 -2.22
CA ASP A 312 -14.65 -0.89 -3.60
C ASP A 312 -16.10 -0.82 -4.06
N GLY A 313 -16.96 -1.70 -3.55
CA GLY A 313 -18.34 -1.73 -3.94
C GLY A 313 -18.64 -2.53 -5.18
N THR A 314 -17.62 -3.01 -5.89
CA THR A 314 -17.78 -3.82 -7.08
C THR A 314 -17.54 -5.28 -6.72
N GLU A 315 -18.56 -6.11 -6.89
CA GLU A 315 -18.45 -7.52 -6.52
C GLU A 315 -17.36 -8.18 -7.35
N ARG A 316 -17.57 -8.28 -8.66
CA ARG A 316 -16.56 -8.79 -9.57
C ARG A 316 -17.07 -8.60 -11.00
N LEU A 317 -16.21 -8.12 -11.89
CA LEU A 317 -16.61 -7.76 -13.24
C LEU A 317 -16.06 -8.77 -14.22
N GLN A 318 -16.96 -9.38 -14.99
CA GLN A 318 -16.60 -10.35 -16.01
C GLN A 318 -16.92 -9.78 -17.39
N CYS A 319 -16.19 -10.25 -18.40
CA CYS A 319 -16.35 -9.72 -19.75
C CYS A 319 -17.62 -10.29 -20.37
N GLN A 320 -18.62 -9.44 -20.58
CA GLN A 320 -19.83 -9.82 -21.26
C GLN A 320 -19.69 -9.78 -22.78
N ILE A 321 -18.53 -9.36 -23.28
CA ILE A 321 -18.34 -9.26 -24.73
C ILE A 321 -18.42 -10.67 -25.33
N PRO A 322 -19.02 -10.84 -26.52
CA PRO A 322 -19.20 -12.19 -27.05
C PRO A 322 -17.87 -12.92 -27.19
N LEU A 323 -17.88 -14.22 -26.91
CA LEU A 323 -16.65 -15.00 -27.01
C LEU A 323 -16.11 -15.00 -28.43
N THR A 324 -16.98 -14.93 -29.43
CA THR A 324 -16.51 -14.86 -30.81
C THR A 324 -15.68 -13.59 -31.03
N GLU A 325 -16.14 -12.46 -30.51
CA GLU A 325 -15.40 -11.22 -30.66
C GLU A 325 -14.05 -11.29 -29.96
N ILE A 326 -14.04 -11.84 -28.74
CA ILE A 326 -12.77 -11.98 -28.01
C ILE A 326 -11.81 -12.88 -28.79
N LEU A 327 -12.32 -14.00 -29.30
CA LEU A 327 -11.47 -14.90 -30.06
C LEU A 327 -10.91 -14.22 -31.29
N GLU A 328 -11.74 -13.48 -32.02
CA GLU A 328 -11.26 -12.79 -33.21
C GLU A 328 -10.20 -11.76 -32.86
N THR A 329 -10.47 -10.93 -31.85
CA THR A 329 -9.53 -9.88 -31.50
C THR A 329 -8.20 -10.45 -31.04
N TYR A 330 -8.21 -11.47 -30.19
CA TYR A 330 -6.96 -12.00 -29.68
C TYR A 330 -6.28 -12.95 -30.65
N LYS A 331 -6.99 -13.47 -31.65
CA LYS A 331 -6.34 -14.15 -32.76
C LYS A 331 -5.61 -13.15 -33.64
N SER A 332 -6.25 -12.01 -33.93
CA SER A 332 -5.59 -10.97 -34.72
C SER A 332 -4.53 -10.21 -33.95
N LYS A 333 -4.51 -10.35 -32.62
CA LYS A 333 -3.52 -9.68 -31.79
C LYS A 333 -2.32 -10.58 -31.49
N TRP A 334 -2.55 -11.72 -30.86
CA TRP A 334 -1.44 -12.57 -30.44
C TRP A 334 -0.83 -13.30 -31.63
N GLU A 335 -1.66 -13.84 -32.52
CA GLU A 335 -1.14 -14.61 -33.64
C GLU A 335 -0.59 -13.73 -34.75
N THR A 336 -1.15 -12.54 -34.95
CA THR A 336 -0.67 -11.66 -36.01
C THR A 336 0.71 -11.13 -35.67
N LEU A 337 1.64 -11.28 -36.62
CA LEU A 337 2.99 -10.78 -36.44
C LEU A 337 3.07 -9.31 -36.83
N THR A 338 4.20 -8.69 -36.49
CA THR A 338 4.50 -7.32 -36.87
C THR A 338 5.89 -7.26 -37.45
N PRO A 339 6.15 -6.30 -38.34
CA PRO A 339 7.49 -6.22 -38.95
C PRO A 339 8.51 -5.68 -37.98
N PHE A 340 9.69 -6.31 -37.98
CA PHE A 340 10.80 -5.86 -37.15
C PHE A 340 12.05 -5.74 -38.02
N GLU A 341 12.88 -4.76 -37.71
CA GLU A 341 14.08 -4.49 -38.48
C GLU A 341 15.31 -4.18 -37.62
N GLY A 342 15.18 -4.19 -36.29
CA GLY A 342 16.25 -3.76 -35.42
C GLY A 342 16.11 -2.31 -35.01
N LEU A 343 16.73 -1.99 -33.88
CA LEU A 343 16.58 -0.68 -33.26
C LEU A 343 17.64 0.32 -33.71
N GLY A 344 18.46 -0.04 -34.69
CA GLY A 344 19.45 0.91 -35.19
C GLY A 344 20.47 1.26 -34.10
N GLN A 345 20.75 2.56 -33.97
CA GLN A 345 21.73 3.02 -32.98
C GLN A 345 21.25 2.84 -31.54
N PHE A 346 19.97 2.50 -31.32
CA PHE A 346 19.51 2.31 -29.96
C PHE A 346 20.28 1.19 -29.29
N LYS A 347 21.13 1.54 -28.34
CA LYS A 347 21.90 0.58 -27.55
C LYS A 347 21.33 0.51 -26.14
N SER A 348 21.62 -0.59 -25.46
CA SER A 348 21.06 -0.87 -24.14
C SER A 348 22.19 -0.94 -23.12
N HIS A 349 22.37 0.15 -22.39
CA HIS A 349 23.30 0.21 -21.26
C HIS A 349 24.68 -0.33 -21.64
N ALA A 350 24.98 -1.58 -21.33
CA ALA A 350 26.32 -2.12 -21.55
C ALA A 350 26.23 -3.63 -21.71
N VAL A 351 27.40 -4.25 -21.90
CA VAL A 351 27.46 -5.68 -22.17
C VAL A 351 26.82 -6.46 -21.03
N ALA A 352 26.31 -7.65 -21.37
CA ALA A 352 25.72 -8.56 -20.39
C ALA A 352 26.79 -9.45 -19.76
N ASP A 353 26.58 -9.77 -18.49
CA ASP A 353 27.51 -10.61 -17.74
C ASP A 353 27.03 -12.06 -17.80
N ASN A 354 27.74 -12.89 -18.56
CA ASN A 354 27.38 -14.29 -18.68
C ASN A 354 27.75 -15.10 -17.45
N THR A 355 28.67 -14.61 -16.62
CA THR A 355 29.06 -15.34 -15.42
C THR A 355 27.89 -15.57 -14.49
N ALA A 356 26.81 -14.79 -14.62
CA ALA A 356 25.63 -15.00 -13.81
C ALA A 356 25.00 -16.36 -14.05
N PHE A 357 25.25 -16.98 -15.20
CA PHE A 357 24.62 -18.24 -15.54
C PHE A 357 25.49 -19.45 -15.21
N GLU A 358 26.67 -19.25 -14.61
CA GLU A 358 27.40 -20.35 -14.03
C GLU A 358 26.66 -20.86 -12.80
N ILE A 359 27.24 -21.86 -12.14
CA ILE A 359 26.61 -22.44 -10.96
C ILE A 359 25.23 -22.96 -11.35
N LEU A 360 25.18 -24.19 -11.88
CA LEU A 360 23.93 -24.78 -12.32
C LEU A 360 22.91 -24.76 -11.19
N LEU A 361 21.63 -24.88 -11.53
CA LEU A 361 20.58 -24.79 -10.53
C LEU A 361 20.75 -25.85 -9.46
N SER A 362 20.58 -25.44 -8.21
CA SER A 362 20.63 -26.33 -7.06
C SER A 362 19.27 -26.32 -6.36
N ALA A 363 18.94 -27.44 -5.73
CA ALA A 363 17.64 -27.55 -5.06
C ALA A 363 17.44 -26.43 -4.06
N LYS A 364 18.52 -25.95 -3.43
CA LYS A 364 18.41 -24.83 -2.51
C LYS A 364 17.90 -23.59 -3.22
N GLU A 365 18.42 -23.32 -4.43
CA GLU A 365 17.95 -22.16 -5.18
C GLU A 365 16.50 -22.30 -5.58
N ILE A 366 16.08 -23.51 -5.97
CA ILE A 366 14.69 -23.72 -6.34
C ILE A 366 13.79 -23.50 -5.14
N MET A 367 14.19 -24.00 -3.97
CA MET A 367 13.40 -23.78 -2.77
C MET A 367 13.32 -22.29 -2.44
N LYS A 368 14.45 -21.59 -2.57
CA LYS A 368 14.45 -20.15 -2.30
C LYS A 368 13.48 -19.42 -3.22
N ASN A 369 13.52 -19.75 -4.52
CA ASN A 369 12.62 -19.08 -5.46
C ASN A 369 11.17 -19.42 -5.17
N ILE A 370 10.87 -20.68 -4.87
CA ILE A 370 9.50 -21.06 -4.57
C ILE A 370 9.00 -20.30 -3.35
N LYS A 371 9.85 -20.16 -2.33
CA LYS A 371 9.45 -19.44 -1.12
C LYS A 371 9.13 -17.98 -1.43
N GLU A 372 9.72 -17.42 -2.49
CA GLU A 372 9.47 -16.04 -2.89
C GLU A 372 8.34 -15.91 -3.90
N MET A 373 7.71 -17.02 -4.29
CA MET A 373 6.57 -16.97 -5.19
C MET A 373 5.28 -16.80 -4.37
N ASN A 374 4.15 -16.74 -5.07
CA ASN A 374 2.86 -16.59 -4.43
C ASN A 374 2.31 -17.97 -4.10
N LYS A 375 2.05 -18.22 -2.82
CA LYS A 375 1.63 -19.54 -2.37
C LYS A 375 0.29 -19.94 -2.99
N ASN A 376 -0.66 -19.00 -3.05
CA ASN A 376 -2.02 -19.29 -3.48
C ASN A 376 -2.22 -19.07 -4.97
N SER A 377 -1.17 -19.21 -5.77
CA SER A 377 -1.31 -19.01 -7.22
C SER A 377 -2.26 -20.03 -7.80
N ALA A 378 -3.19 -19.56 -8.63
CA ALA A 378 -4.05 -20.48 -9.36
C ALA A 378 -3.22 -21.31 -10.33
N PRO A 379 -3.53 -22.59 -10.50
CA PRO A 379 -2.73 -23.42 -11.41
C PRO A 379 -3.06 -23.16 -12.86
N GLY A 380 -2.16 -23.63 -13.73
CA GLY A 380 -2.35 -23.53 -15.15
C GLY A 380 -3.11 -24.73 -15.69
N PRO A 381 -3.00 -24.97 -16.99
CA PRO A 381 -3.63 -26.17 -17.57
C PRO A 381 -3.09 -27.46 -16.98
N ASP A 382 -1.87 -27.46 -16.46
CA ASP A 382 -1.34 -28.65 -15.80
C ASP A 382 -2.13 -29.01 -14.56
N LYS A 383 -2.90 -28.07 -14.01
CA LYS A 383 -3.65 -28.29 -12.78
C LYS A 383 -2.71 -28.63 -11.62
N VAL A 384 -1.49 -28.11 -11.68
CA VAL A 384 -0.48 -28.33 -10.64
C VAL A 384 -0.25 -27.00 -9.92
N SER A 385 -0.36 -27.02 -8.60
CA SER A 385 -0.14 -25.86 -7.77
C SER A 385 1.20 -25.97 -7.06
N LEU A 386 1.59 -24.86 -6.42
CA LEU A 386 2.84 -24.86 -5.65
C LEU A 386 2.78 -25.84 -4.50
N ARG A 387 1.63 -25.93 -3.83
CA ARG A 387 1.47 -26.89 -2.74
C ARG A 387 1.79 -28.30 -3.22
N ASP A 388 1.22 -28.69 -4.36
CA ASP A 388 1.48 -30.02 -4.90
C ASP A 388 2.94 -30.19 -5.27
N LEU A 389 3.55 -29.16 -5.87
CA LEU A 389 4.96 -29.23 -6.24
C LEU A 389 5.81 -29.54 -5.01
N LEU A 390 5.55 -28.84 -3.90
CA LEU A 390 6.30 -29.11 -2.67
C LEU A 390 5.99 -30.49 -2.13
N LEU A 391 4.72 -30.91 -2.18
CA LEU A 391 4.36 -32.21 -1.62
C LEU A 391 5.09 -33.33 -2.36
N ALA A 392 5.15 -33.26 -3.69
CA ALA A 392 5.82 -34.30 -4.46
C ALA A 392 7.33 -34.28 -4.24
N ASP A 393 7.93 -33.09 -4.27
CA ASP A 393 9.38 -32.93 -4.15
C ASP A 393 9.67 -31.90 -3.08
N PRO A 394 9.49 -32.26 -1.80
CA PRO A 394 9.78 -31.30 -0.73
C PRO A 394 11.23 -30.83 -0.71
N GLU A 395 12.16 -31.69 -1.09
CA GLU A 395 13.56 -31.32 -1.18
C GLU A 395 13.93 -30.69 -2.52
N CYS A 396 13.00 -30.67 -3.48
CA CYS A 396 13.24 -30.06 -4.78
C CYS A 396 14.39 -30.71 -5.53
N ASN A 397 14.63 -32.00 -5.27
CA ASN A 397 15.65 -32.72 -6.02
C ASN A 397 15.16 -33.05 -7.42
N ALA A 398 13.91 -33.51 -7.55
CA ALA A 398 13.35 -33.78 -8.86
C ALA A 398 13.25 -32.50 -9.69
N LEU A 399 12.81 -31.41 -9.06
CA LEU A 399 12.77 -30.14 -9.77
C LEU A 399 14.16 -29.69 -10.17
N GLU A 400 15.15 -29.89 -9.31
CA GLU A 400 16.52 -29.57 -9.68
C GLU A 400 16.95 -30.36 -10.90
N LYS A 401 16.65 -31.66 -10.90
CA LYS A 401 17.02 -32.51 -12.04
C LYS A 401 16.36 -32.00 -13.32
N LEU A 402 15.06 -31.71 -13.25
CA LEU A 402 14.33 -31.26 -14.43
C LEU A 402 14.89 -29.94 -14.96
N PHE A 403 15.02 -28.95 -14.07
CA PHE A 403 15.47 -27.63 -14.51
C PHE A 403 16.90 -27.68 -15.00
N ASN A 404 17.75 -28.50 -14.38
CA ASN A 404 19.12 -28.65 -14.86
C ASN A 404 19.14 -29.29 -16.24
N THR A 405 18.30 -30.29 -16.48
CA THR A 405 18.21 -30.88 -17.81
C THR A 405 17.82 -29.83 -18.84
N TRP A 406 16.79 -29.04 -18.54
CA TRP A 406 16.35 -28.02 -19.48
C TRP A 406 17.45 -26.99 -19.72
N LEU A 407 18.11 -26.53 -18.65
CA LEU A 407 19.13 -25.51 -18.79
C LEU A 407 20.32 -26.01 -19.59
N ILE A 408 20.76 -27.24 -19.33
CA ILE A 408 21.94 -27.77 -20.03
C ILE A 408 21.61 -28.04 -21.48
N THR A 409 20.45 -28.63 -21.75
CA THR A 409 20.08 -28.96 -23.12
C THR A 409 19.44 -27.80 -23.87
N GLY A 410 19.19 -26.69 -23.20
CA GLY A 410 18.58 -25.54 -23.86
C GLY A 410 17.18 -25.82 -24.38
N ILE A 411 16.55 -26.90 -23.94
CA ILE A 411 15.24 -27.31 -24.42
C ILE A 411 14.22 -27.08 -23.31
N ILE A 412 12.99 -26.77 -23.70
CA ILE A 412 11.85 -26.75 -22.80
C ILE A 412 10.77 -27.61 -23.42
N PRO A 413 10.27 -28.64 -22.76
CA PRO A 413 9.31 -29.54 -23.40
C PRO A 413 8.05 -28.81 -23.83
N ASN A 414 7.53 -29.17 -25.00
CA ASN A 414 6.31 -28.56 -25.49
C ASN A 414 5.08 -29.02 -24.71
N SER A 415 5.17 -30.16 -24.03
CA SER A 415 4.04 -30.65 -23.25
C SER A 415 3.70 -29.75 -22.08
N ILE A 416 4.57 -28.82 -21.72
CA ILE A 416 4.34 -27.91 -20.60
C ILE A 416 4.03 -26.49 -21.06
N LYS A 417 4.20 -26.18 -22.34
CA LYS A 417 3.94 -24.82 -22.82
C LYS A 417 2.47 -24.45 -22.75
N GLU A 418 1.58 -25.42 -22.72
CA GLU A 418 0.16 -25.12 -22.71
C GLU A 418 -0.18 -24.21 -21.53
N CYS A 419 -0.95 -23.16 -21.81
CA CYS A 419 -1.34 -22.19 -20.81
C CYS A 419 -2.80 -21.81 -21.03
N ARG A 420 -3.42 -21.24 -20.00
CA ARG A 420 -4.80 -20.81 -20.04
C ARG A 420 -4.88 -19.31 -19.82
N SER A 421 -5.72 -18.64 -20.60
CA SER A 421 -5.84 -17.20 -20.56
C SER A 421 -7.13 -16.79 -19.86
N LEU A 422 -7.21 -15.49 -19.55
CA LEU A 422 -8.33 -14.94 -18.81
C LEU A 422 -8.36 -13.44 -19.07
N LEU A 423 -9.51 -12.82 -18.81
CA LEU A 423 -9.68 -11.39 -19.01
C LEU A 423 -9.92 -10.70 -17.68
N ILE A 424 -9.30 -9.53 -17.52
CA ILE A 424 -9.33 -8.81 -16.24
C ILE A 424 -9.84 -7.40 -16.49
N PRO A 425 -10.72 -6.87 -15.65
CA PRO A 425 -11.18 -5.48 -15.82
C PRO A 425 -10.12 -4.50 -15.35
N LYS A 426 -9.51 -3.80 -16.30
CA LYS A 426 -8.49 -2.81 -15.98
C LYS A 426 -9.06 -1.42 -15.77
N THR A 427 -10.37 -1.27 -15.81
CA THR A 427 -11.03 0.00 -15.48
C THR A 427 -12.23 -0.30 -14.60
N ALA A 428 -12.54 0.65 -13.72
CA ALA A 428 -13.64 0.50 -12.77
C ALA A 428 -14.98 0.94 -13.32
N ASP A 429 -15.01 1.61 -14.47
CA ASP A 429 -16.25 2.11 -15.04
C ASP A 429 -16.89 1.03 -15.90
N PRO A 430 -18.08 0.53 -15.56
CA PRO A 430 -18.68 -0.53 -16.40
C PRO A 430 -18.94 -0.09 -17.83
N GLU A 431 -19.27 1.18 -18.05
CA GLU A 431 -19.46 1.67 -19.42
C GLU A 431 -18.17 1.50 -20.22
N ALA A 432 -17.03 1.86 -19.63
CA ALA A 432 -15.76 1.65 -20.30
C ALA A 432 -15.50 0.16 -20.53
N LEU A 433 -15.86 -0.67 -19.55
CA LEU A 433 -15.68 -2.11 -19.70
C LEU A 433 -16.52 -2.69 -20.84
N LYS A 434 -17.55 -1.98 -21.28
CA LYS A 434 -18.34 -2.45 -22.42
C LYS A 434 -17.43 -2.74 -23.61
N GLU A 435 -16.48 -1.85 -23.87
CA GLU A 435 -15.55 -2.04 -24.97
C GLU A 435 -14.40 -2.97 -24.56
N LEU A 436 -13.91 -3.75 -25.52
CA LEU A 436 -12.91 -4.77 -25.23
C LEU A 436 -11.54 -4.17 -24.95
N GLY A 437 -11.30 -2.93 -25.37
CA GLY A 437 -9.99 -2.32 -25.15
C GLY A 437 -9.62 -2.17 -23.69
N ASN A 438 -10.60 -2.21 -22.79
CA ASN A 438 -10.36 -2.05 -21.36
C ASN A 438 -10.35 -3.38 -20.63
N TRP A 439 -9.90 -4.46 -21.27
CA TRP A 439 -9.79 -5.77 -20.64
C TRP A 439 -8.38 -6.29 -20.85
N ARG A 440 -7.71 -6.58 -19.76
CA ARG A 440 -6.32 -7.03 -19.77
C ARG A 440 -6.26 -8.56 -19.90
N PRO A 441 -5.56 -9.10 -20.90
CA PRO A 441 -5.46 -10.56 -21.00
C PRO A 441 -4.35 -11.13 -20.15
N LEU A 442 -4.70 -11.90 -19.13
CA LEU A 442 -3.73 -12.66 -18.36
C LEU A 442 -3.53 -14.02 -19.01
N THR A 443 -2.30 -14.53 -18.89
CA THR A 443 -1.92 -15.83 -19.43
C THR A 443 -1.16 -16.59 -18.35
N ILE A 444 -1.78 -17.64 -17.82
CA ILE A 444 -1.22 -18.43 -16.73
C ILE A 444 -0.77 -19.76 -17.32
N GLY A 445 0.54 -20.02 -17.24
CA GLY A 445 1.10 -21.28 -17.70
C GLY A 445 1.29 -22.26 -16.56
N SER A 446 1.83 -23.42 -16.90
CA SER A 446 2.10 -24.44 -15.90
C SER A 446 3.01 -23.87 -14.82
N ILE A 447 2.68 -24.15 -13.56
CA ILE A 447 3.42 -23.55 -12.46
C ILE A 447 4.88 -23.98 -12.48
N VAL A 448 5.16 -25.17 -13.01
CA VAL A 448 6.56 -25.58 -13.19
C VAL A 448 7.26 -24.61 -14.14
N LEU A 449 6.60 -24.28 -15.25
CA LEU A 449 7.15 -23.30 -16.18
C LEU A 449 7.31 -21.95 -15.52
N ARG A 450 6.33 -21.55 -14.69
CA ARG A 450 6.44 -20.28 -13.99
C ARG A 450 7.67 -20.26 -13.09
N LEU A 451 7.89 -21.33 -12.34
CA LEU A 451 9.04 -21.39 -11.44
C LEU A 451 10.36 -21.37 -12.22
N PHE A 452 10.44 -22.15 -13.30
CA PHE A 452 11.67 -22.17 -14.09
C PHE A 452 11.93 -20.79 -14.70
N SER A 453 10.89 -20.16 -15.22
CA SER A 453 11.05 -18.83 -15.79
C SER A 453 11.45 -17.81 -14.72
N ARG A 454 10.95 -17.97 -13.49
CA ARG A 454 11.37 -17.08 -12.42
C ARG A 454 12.85 -17.24 -12.09
N ILE A 455 13.33 -18.49 -12.05
CA ILE A 455 14.74 -18.72 -11.76
C ILE A 455 15.60 -18.11 -12.87
N ILE A 456 15.23 -18.39 -14.12
CA ILE A 456 15.96 -17.80 -15.25
C ILE A 456 15.84 -16.29 -15.22
N THR A 457 14.74 -15.75 -14.69
CA THR A 457 14.57 -14.31 -14.59
C THR A 457 15.54 -13.71 -13.59
N ASN A 458 15.74 -14.37 -12.46
CA ASN A 458 16.72 -13.89 -11.50
C ASN A 458 18.12 -13.90 -12.12
N ARG A 459 18.47 -15.02 -12.76
CA ARG A 459 19.78 -15.11 -13.40
C ARG A 459 19.95 -14.02 -14.46
N LEU A 460 18.93 -13.80 -15.28
CA LEU A 460 18.99 -12.79 -16.33
C LEU A 460 19.08 -11.39 -15.74
N ALA A 461 18.31 -11.11 -14.70
CA ALA A 461 18.33 -9.79 -14.07
C ALA A 461 19.73 -9.47 -13.57
N LYS A 462 20.43 -10.46 -13.00
CA LYS A 462 21.83 -10.22 -12.68
C LYS A 462 22.67 -10.10 -13.93
N ALA A 463 22.35 -10.86 -14.99
CA ALA A 463 23.21 -10.91 -16.16
C ALA A 463 23.12 -9.64 -16.99
N CYS A 464 21.92 -9.07 -17.12
CA CYS A 464 21.70 -7.91 -17.97
C CYS A 464 21.41 -6.68 -17.11
N PRO A 465 22.36 -5.75 -16.95
CA PRO A 465 22.09 -4.57 -16.12
C PRO A 465 21.22 -3.56 -16.87
N ILE A 466 20.13 -3.15 -16.25
CA ILE A 466 19.21 -2.19 -16.84
C ILE A 466 19.66 -0.77 -16.47
N ASN A 467 19.30 0.19 -17.31
CA ASN A 467 19.60 1.58 -17.00
C ASN A 467 18.95 1.96 -15.67
N ALA A 468 19.70 2.73 -14.87
CA ALA A 468 19.26 3.01 -13.51
C ALA A 468 17.94 3.75 -13.48
N ARG A 469 17.65 4.55 -14.51
CA ARG A 469 16.42 5.34 -14.52
C ARG A 469 15.17 4.49 -14.55
N GLN A 470 15.30 3.21 -14.91
CA GLN A 470 14.16 2.30 -14.93
C GLN A 470 13.93 1.79 -13.51
N ARG A 471 12.95 2.40 -12.82
CA ARG A 471 12.67 2.07 -11.43
C ARG A 471 11.59 1.02 -11.27
N GLY A 472 11.07 0.46 -12.37
CA GLY A 472 9.98 -0.49 -12.30
C GLY A 472 10.49 -1.92 -12.40
N PHE A 473 9.98 -2.77 -11.51
CA PHE A 473 10.32 -4.19 -11.50
C PHE A 473 11.79 -4.41 -11.13
N ILE A 474 12.30 -3.64 -10.16
CA ILE A 474 13.64 -3.79 -9.65
C ILE A 474 13.61 -3.64 -8.13
N ALA A 475 14.79 -3.76 -7.52
CA ALA A 475 14.88 -3.83 -6.07
C ALA A 475 14.55 -2.50 -5.40
N THR A 476 14.79 -1.38 -6.07
CA THR A 476 14.57 -0.08 -5.46
C THR A 476 13.07 0.18 -5.28
N PRO A 477 12.70 1.10 -4.37
CA PRO A 477 11.27 1.30 -4.10
C PRO A 477 10.56 2.19 -5.10
N GLY A 478 10.90 2.05 -6.38
CA GLY A 478 10.00 2.43 -7.46
C GLY A 478 9.24 3.73 -7.30
N CYS A 479 7.93 3.58 -7.12
CA CYS A 479 7.03 4.73 -7.10
C CYS A 479 7.48 5.79 -6.11
N SER A 480 7.96 5.37 -4.93
CA SER A 480 8.41 6.36 -3.95
C SER A 480 9.49 7.25 -4.55
N GLU A 481 10.53 6.64 -5.12
CA GLU A 481 11.63 7.40 -5.68
C GLU A 481 11.16 8.28 -6.83
N ASN A 482 10.41 7.72 -7.78
CA ASN A 482 9.99 8.52 -8.93
C ASN A 482 9.11 9.69 -8.51
N LEU A 483 8.14 9.43 -7.62
CA LEU A 483 7.25 10.50 -7.16
C LEU A 483 8.03 11.61 -6.47
N LYS A 484 8.89 11.23 -5.52
CA LYS A 484 9.64 12.24 -4.80
C LYS A 484 10.54 13.04 -5.74
N ILE A 485 11.19 12.35 -6.69
CA ILE A 485 12.11 13.04 -7.57
C ILE A 485 11.36 14.00 -8.48
N LEU A 486 10.22 13.58 -9.02
CA LEU A 486 9.44 14.48 -9.86
C LEU A 486 8.97 15.69 -9.06
N HIS A 487 8.46 15.47 -7.85
CA HIS A 487 7.98 16.57 -7.04
C HIS A 487 9.11 17.55 -6.72
N THR A 488 10.27 17.02 -6.33
CA THR A 488 11.39 17.89 -6.01
C THR A 488 11.93 18.61 -7.24
N ILE A 489 11.90 17.95 -8.41
CA ILE A 489 12.33 18.61 -9.64
C ILE A 489 11.44 19.79 -9.94
N VAL A 490 10.12 19.60 -9.88
CA VAL A 490 9.20 20.70 -10.15
C VAL A 490 9.37 21.80 -9.11
N LYS A 491 9.53 21.42 -7.85
CA LYS A 491 9.69 22.41 -6.79
C LYS A 491 10.94 23.24 -7.00
N GLN A 492 12.05 22.59 -7.35
CA GLN A 492 13.29 23.32 -7.61
C GLN A 492 13.14 24.22 -8.83
N ALA A 493 12.47 23.73 -9.87
CA ALA A 493 12.27 24.57 -11.05
C ALA A 493 11.49 25.83 -10.69
N LYS A 494 10.45 25.70 -9.88
CA LYS A 494 9.69 26.87 -9.44
C LYS A 494 10.57 27.79 -8.61
N THR A 495 11.34 27.21 -7.67
CA THR A 495 12.05 28.03 -6.68
C THR A 495 13.23 28.76 -7.31
N SER A 496 14.01 28.08 -8.13
CA SER A 496 15.26 28.61 -8.65
C SER A 496 15.09 29.37 -9.96
N LYS A 497 13.86 29.54 -10.44
CA LYS A 497 13.60 30.29 -11.67
C LYS A 497 14.29 29.63 -12.86
N LYS A 498 14.17 28.31 -12.95
CA LYS A 498 14.68 27.55 -14.07
C LYS A 498 13.50 26.95 -14.85
N SER A 499 13.52 27.10 -16.17
CA SER A 499 12.45 26.55 -16.99
C SER A 499 12.45 25.03 -16.90
N LEU A 500 11.26 24.45 -16.84
CA LEU A 500 11.09 23.01 -16.80
C LEU A 500 10.01 22.59 -17.77
N GLY A 501 10.21 21.44 -18.40
CA GLY A 501 9.20 20.84 -19.25
C GLY A 501 9.03 19.37 -18.93
N VAL A 502 7.84 18.97 -18.50
CA VAL A 502 7.57 17.60 -18.09
C VAL A 502 6.59 16.99 -19.07
N VAL A 503 6.78 15.70 -19.37
CA VAL A 503 5.87 14.95 -20.21
C VAL A 503 5.67 13.57 -19.60
N PHE A 504 4.44 13.09 -19.59
CA PHE A 504 4.09 11.76 -19.12
C PHE A 504 3.66 10.92 -20.32
N VAL A 505 4.30 9.77 -20.50
CA VAL A 505 4.11 8.92 -21.67
C VAL A 505 3.86 7.50 -21.19
N ASP A 506 2.85 6.85 -21.78
CA ASP A 506 2.53 5.46 -21.49
C ASP A 506 2.58 4.67 -22.79
N ILE A 507 3.26 3.53 -22.75
CA ILE A 507 3.33 2.64 -23.91
C ILE A 507 2.02 1.87 -24.01
N ALA A 508 1.44 1.84 -25.21
CA ALA A 508 0.19 1.12 -25.42
C ALA A 508 0.47 -0.37 -25.59
N LYS A 509 -0.30 -1.19 -24.88
CA LYS A 509 -0.15 -2.65 -24.92
C LYS A 509 1.32 -3.03 -24.70
N ALA A 510 1.81 -2.68 -23.51
CA ALA A 510 3.24 -2.79 -23.25
C ALA A 510 3.74 -4.21 -23.46
N PHE A 511 3.04 -5.20 -22.89
CA PHE A 511 3.48 -6.58 -22.98
C PHE A 511 2.92 -7.30 -24.20
N ASP A 512 1.75 -6.90 -24.69
CA ASP A 512 1.14 -7.57 -25.82
C ASP A 512 1.65 -7.05 -27.17
N SER A 513 2.36 -5.93 -27.18
CA SER A 513 2.87 -5.35 -28.41
C SER A 513 4.37 -5.55 -28.58
N VAL A 514 5.05 -6.13 -27.60
CA VAL A 514 6.48 -6.37 -27.71
C VAL A 514 6.69 -7.65 -28.54
N SER A 515 7.31 -7.50 -29.70
CA SER A 515 7.52 -8.63 -30.58
C SER A 515 8.61 -9.55 -30.04
N HIS A 516 8.42 -10.85 -30.22
CA HIS A 516 9.43 -11.81 -29.77
C HIS A 516 10.77 -11.54 -30.43
N ASP A 517 10.75 -11.13 -31.70
CA ASP A 517 12.00 -10.81 -32.38
C ASP A 517 12.69 -9.61 -31.74
N HIS A 518 11.92 -8.65 -31.23
CA HIS A 518 12.53 -7.50 -30.57
C HIS A 518 13.26 -7.90 -29.30
N ILE A 519 12.63 -8.74 -28.48
CA ILE A 519 13.28 -9.22 -27.26
C ILE A 519 14.50 -10.06 -27.63
N MET A 520 14.39 -10.88 -28.66
CA MET A 520 15.55 -11.64 -29.12
C MET A 520 16.69 -10.71 -29.50
N TRP A 521 16.38 -9.66 -30.26
CA TRP A 521 17.39 -8.69 -30.66
C TRP A 521 18.05 -8.05 -29.45
N VAL A 522 17.25 -7.70 -28.44
CA VAL A 522 17.81 -7.10 -27.23
C VAL A 522 18.75 -8.09 -26.54
N LEU A 523 18.35 -9.37 -26.48
CA LEU A 523 19.20 -10.40 -25.89
C LEU A 523 20.39 -10.76 -26.78
N GLN A 524 20.44 -10.21 -28.00
CA GLN A 524 21.60 -10.31 -28.88
C GLN A 524 22.63 -9.30 -28.38
N GLU A 525 23.45 -8.74 -29.27
CA GLU A 525 24.76 -8.16 -28.96
C GLU A 525 24.91 -7.60 -27.56
N ARG A 526 23.81 -7.28 -26.88
CA ARG A 526 23.85 -7.07 -25.44
C ARG A 526 24.88 -7.99 -24.81
N GLY A 527 24.91 -9.26 -25.23
CA GLY A 527 25.99 -10.14 -24.86
C GLY A 527 25.53 -11.46 -24.29
N LEU A 528 24.23 -11.61 -24.08
CA LEU A 528 23.71 -12.81 -23.45
C LEU A 528 24.12 -14.05 -24.24
N ASP A 529 24.50 -15.10 -23.52
CA ASP A 529 24.99 -16.31 -24.16
C ASP A 529 23.93 -16.92 -25.05
N GLN A 530 24.36 -17.43 -26.21
CA GLN A 530 23.42 -17.98 -27.16
C GLN A 530 22.62 -19.13 -26.55
N HIS A 531 23.19 -19.82 -25.56
CA HIS A 531 22.45 -20.89 -24.89
C HIS A 531 21.22 -20.33 -24.17
N ILE A 532 21.41 -19.28 -23.38
CA ILE A 532 20.29 -18.68 -22.67
C ILE A 532 19.33 -18.01 -23.65
N VAL A 533 19.86 -17.42 -24.73
CA VAL A 533 18.98 -16.84 -25.74
C VAL A 533 18.08 -17.92 -26.33
N ASN A 534 18.64 -19.09 -26.61
CA ASN A 534 17.85 -20.21 -27.10
C ASN A 534 16.82 -20.64 -26.06
N ILE A 535 17.20 -20.65 -24.79
CA ILE A 535 16.25 -21.03 -23.73
C ILE A 535 15.08 -20.06 -23.71
N ILE A 536 15.36 -18.76 -23.80
CA ILE A 536 14.30 -17.76 -23.78
C ILE A 536 13.38 -17.93 -24.98
N GLU A 537 13.99 -18.04 -26.17
CA GLU A 537 13.20 -18.23 -27.38
C GLU A 537 12.30 -19.45 -27.26
N ASP A 538 12.84 -20.55 -26.73
CA ASP A 538 12.01 -21.74 -26.50
C ASP A 538 10.89 -21.44 -25.53
N SER A 539 11.20 -20.74 -24.44
CA SER A 539 10.18 -20.42 -23.44
C SER A 539 9.04 -19.63 -24.03
N TYR A 540 9.28 -18.91 -25.12
CA TYR A 540 8.18 -18.24 -25.83
C TYR A 540 8.02 -18.78 -27.25
N LYS A 541 8.18 -20.09 -27.42
CA LYS A 541 7.98 -20.77 -28.70
C LYS A 541 6.91 -21.84 -28.54
N LYS A 542 5.90 -21.80 -29.41
CA LYS A 542 4.80 -22.76 -29.38
C LYS A 542 4.05 -22.70 -28.06
N ILE A 543 3.62 -21.50 -27.68
CA ILE A 543 2.82 -21.29 -26.48
C ILE A 543 1.36 -21.21 -26.91
N HIS A 544 0.55 -22.16 -26.45
CA HIS A 544 -0.87 -22.21 -26.76
C HIS A 544 -1.67 -21.73 -25.56
N THR A 545 -2.59 -20.81 -25.80
CA THR A 545 -3.24 -20.04 -24.74
C THR A 545 -4.75 -19.97 -24.95
N ARG A 546 -5.38 -21.12 -25.21
CA ARG A 546 -6.82 -21.11 -25.45
C ARG A 546 -7.53 -20.30 -24.36
N MET A 547 -8.14 -19.19 -24.75
CA MET A 547 -8.74 -18.25 -23.82
C MET A 547 -10.07 -18.81 -23.31
N GLU A 548 -10.36 -18.56 -22.04
CA GLU A 548 -11.58 -19.00 -21.40
C GLU A 548 -12.32 -17.80 -20.84
N VAL A 549 -13.62 -17.72 -21.15
CA VAL A 549 -14.49 -16.68 -20.61
C VAL A 549 -15.72 -17.36 -20.02
N GLY A 550 -16.00 -17.07 -18.75
CA GLY A 550 -17.13 -17.68 -18.09
C GLY A 550 -17.02 -19.19 -18.07
N THR A 551 -17.87 -19.85 -18.86
CA THR A 551 -17.88 -21.30 -18.95
C THR A 551 -17.38 -21.84 -20.28
N GLU A 552 -17.20 -20.99 -21.29
CA GLU A 552 -16.79 -21.41 -22.62
C GLU A 552 -15.34 -21.03 -22.86
N ARG A 553 -14.62 -21.93 -23.53
CA ARG A 553 -13.21 -21.74 -23.84
C ARG A 553 -13.02 -21.71 -25.35
N THR A 554 -12.16 -20.81 -25.81
CA THR A 554 -11.87 -20.67 -27.23
C THR A 554 -10.91 -21.76 -27.69
N PRO A 555 -10.86 -22.02 -29.00
CA PRO A 555 -9.85 -22.95 -29.52
C PRO A 555 -8.45 -22.44 -29.28
N PRO A 556 -7.43 -23.27 -29.43
CA PRO A 556 -6.06 -22.83 -29.14
C PRO A 556 -5.68 -21.61 -29.96
N ILE A 557 -4.98 -20.68 -29.31
CA ILE A 557 -4.42 -19.50 -29.96
C ILE A 557 -2.92 -19.52 -29.75
N GLU A 558 -2.17 -19.33 -30.82
CA GLU A 558 -0.71 -19.41 -30.78
C GLU A 558 -0.15 -18.02 -30.50
N ILE A 559 0.48 -17.86 -29.33
CA ILE A 559 1.06 -16.57 -28.94
C ILE A 559 2.33 -16.39 -29.76
N LYS A 560 2.27 -15.52 -30.76
CA LYS A 560 3.42 -15.19 -31.59
C LYS A 560 3.85 -13.74 -31.46
N VAL A 561 3.13 -12.93 -30.69
CA VAL A 561 3.48 -11.54 -30.45
C VAL A 561 3.20 -11.22 -28.99
N GLY A 562 4.09 -10.47 -28.37
CA GLY A 562 3.91 -10.08 -26.98
C GLY A 562 4.53 -11.08 -26.02
N VAL A 563 4.47 -10.71 -24.74
CA VAL A 563 4.96 -11.53 -23.65
C VAL A 563 3.82 -11.82 -22.70
N LYS A 564 3.72 -13.06 -22.25
CA LYS A 564 2.62 -13.47 -21.39
C LYS A 564 2.52 -12.57 -20.18
N GLN A 565 1.32 -12.01 -19.96
CA GLN A 565 1.07 -11.15 -18.81
C GLN A 565 0.78 -12.06 -17.62
N GLY A 566 1.84 -12.46 -16.94
CA GLY A 566 1.72 -13.40 -15.84
C GLY A 566 2.88 -14.35 -15.73
N ASP A 567 3.75 -14.37 -16.74
CA ASP A 567 4.98 -15.13 -16.63
C ASP A 567 6.02 -14.31 -15.88
N PRO A 568 6.74 -14.89 -14.92
CA PRO A 568 7.71 -14.10 -14.15
C PRO A 568 8.76 -13.40 -15.00
N MET A 569 9.11 -13.96 -16.16
CA MET A 569 10.13 -13.34 -17.00
C MET A 569 9.60 -12.18 -17.83
N SER A 570 8.28 -12.05 -17.97
CA SER A 570 7.73 -11.00 -18.82
C SER A 570 8.12 -9.61 -18.36
N PRO A 571 8.00 -9.25 -17.07
CA PRO A 571 8.45 -7.91 -16.66
C PRO A 571 9.91 -7.63 -17.00
N LEU A 572 10.80 -8.60 -16.77
CA LEU A 572 12.21 -8.38 -17.08
C LEU A 572 12.42 -8.24 -18.58
N LEU A 573 11.74 -9.07 -19.38
CA LEU A 573 11.88 -8.96 -20.82
C LEU A 573 11.38 -7.62 -21.34
N PHE A 574 10.26 -7.13 -20.79
CA PHE A 574 9.77 -5.82 -21.20
C PHE A 574 10.74 -4.72 -20.80
N ASN A 575 11.32 -4.82 -19.60
CA ASN A 575 12.29 -3.81 -19.18
C ASN A 575 13.51 -3.84 -20.10
N LEU A 576 13.97 -5.03 -20.48
CA LEU A 576 15.09 -5.11 -21.42
C LEU A 576 14.71 -4.53 -22.76
N ALA A 577 13.48 -4.77 -23.21
CA ALA A 577 13.02 -4.21 -24.48
C ALA A 577 13.00 -2.69 -24.43
N ILE A 578 12.58 -2.12 -23.30
CA ILE A 578 12.50 -0.67 -23.18
C ILE A 578 13.85 -0.02 -22.90
N ASP A 579 14.80 -0.77 -22.35
CA ASP A 579 16.06 -0.16 -21.92
C ASP A 579 16.73 0.68 -22.99
N PRO A 580 16.77 0.28 -24.26
CA PRO A 580 17.35 1.19 -25.27
C PRO A 580 16.71 2.56 -25.28
N LEU A 581 15.39 2.64 -25.11
CA LEU A 581 14.71 3.94 -25.12
C LEU A 581 15.21 4.81 -23.98
N ILE A 582 15.18 4.28 -22.75
CA ILE A 582 15.59 5.07 -21.60
C ILE A 582 17.07 5.46 -21.72
N THR A 583 17.90 4.53 -22.19
CA THR A 583 19.32 4.85 -22.34
C THR A 583 19.54 5.96 -23.36
N ALA A 584 18.83 5.91 -24.50
CA ALA A 584 18.98 6.96 -25.49
C ALA A 584 18.50 8.30 -24.94
N LEU A 585 17.37 8.30 -24.23
CA LEU A 585 16.88 9.54 -23.63
C LEU A 585 17.92 10.11 -22.67
N GLU A 586 18.50 9.26 -21.82
CA GLU A 586 19.51 9.75 -20.89
C GLU A 586 20.73 10.28 -21.63
N LYS A 587 21.13 9.60 -22.72
CA LYS A 587 22.29 10.04 -23.48
C LYS A 587 22.04 11.35 -24.21
N ALA A 588 20.79 11.70 -24.50
CA ALA A 588 20.50 12.89 -25.25
C ALA A 588 20.81 14.18 -24.50
N ASN A 589 21.08 14.09 -23.19
CA ASN A 589 21.44 15.23 -22.35
C ASN A 589 20.53 16.44 -22.57
N THR A 590 19.26 16.20 -22.85
CA THR A 590 18.26 17.25 -22.93
C THR A 590 17.44 17.38 -21.65
N GLY A 591 17.87 16.71 -20.58
CA GLY A 591 17.10 16.66 -19.35
C GLY A 591 17.20 17.93 -18.53
N PHE A 592 16.55 17.90 -17.37
CA PHE A 592 16.52 19.05 -16.48
C PHE A 592 17.89 19.23 -15.84
N SER A 593 18.52 20.38 -16.09
CA SER A 593 19.88 20.63 -15.62
C SER A 593 19.85 20.85 -14.10
N TYR A 594 19.87 19.74 -13.38
CA TYR A 594 19.86 19.77 -11.91
C TYR A 594 21.31 19.75 -11.43
N GLY A 595 21.91 20.94 -11.38
CA GLY A 595 23.29 21.04 -10.99
C GLY A 595 24.22 20.50 -12.08
N LYS A 596 25.35 19.94 -11.64
CA LYS A 596 26.32 19.42 -12.59
C LYS A 596 25.73 18.31 -13.44
N ASN A 597 25.00 17.40 -12.81
CA ASN A 597 24.32 16.33 -13.54
C ASN A 597 23.03 16.88 -14.14
N LYS A 598 22.24 16.01 -14.75
CA LYS A 598 20.92 16.40 -15.24
C LYS A 598 20.08 15.17 -15.52
N ILE A 599 18.88 15.13 -14.98
CA ILE A 599 17.98 13.99 -15.14
C ILE A 599 17.11 14.21 -16.36
N THR A 600 16.93 13.17 -17.16
CA THR A 600 16.20 13.28 -18.42
C THR A 600 14.88 12.54 -18.43
N SER A 601 14.77 11.40 -17.75
CA SER A 601 13.54 10.62 -17.79
C SER A 601 13.48 9.70 -16.59
N LEU A 602 12.49 9.93 -15.72
CA LEU A 602 12.14 8.93 -14.73
C LEU A 602 11.27 7.88 -15.40
N ALA A 603 11.40 6.64 -14.98
CA ALA A 603 10.65 5.55 -15.60
C ALA A 603 10.12 4.61 -14.54
N PHE A 604 9.01 3.95 -14.86
CA PHE A 604 8.46 2.91 -13.99
C PHE A 604 7.72 1.93 -14.91
N ALA A 605 8.36 0.79 -15.17
CA ALA A 605 7.80 -0.18 -16.09
C ALA A 605 7.62 0.47 -17.45
N ASP A 606 6.37 0.68 -17.87
CA ASP A 606 6.09 1.35 -19.13
C ASP A 606 5.74 2.83 -18.96
N ASP A 607 5.25 3.22 -17.78
CA ASP A 607 4.92 4.61 -17.53
C ASP A 607 6.21 5.40 -17.33
N LEU A 608 6.59 6.21 -18.31
CA LEU A 608 7.82 6.96 -18.24
C LEU A 608 7.55 8.44 -18.41
N VAL A 609 8.17 9.26 -17.57
CA VAL A 609 8.06 10.70 -17.64
C VAL A 609 9.40 11.25 -18.13
N MET A 610 9.35 12.06 -19.17
CA MET A 610 10.50 12.76 -19.69
C MET A 610 10.56 14.15 -19.07
N LEU A 611 11.76 14.57 -18.69
CA LEU A 611 12.00 15.91 -18.17
C LEU A 611 12.94 16.65 -19.09
N SER A 612 12.80 17.96 -19.14
CA SER A 612 13.63 18.78 -20.01
C SER A 612 13.77 20.17 -19.43
N ASP A 613 14.79 20.89 -19.89
CA ASP A 613 15.04 22.25 -19.45
C ASP A 613 14.44 23.30 -20.37
N THR A 614 14.04 22.92 -21.58
CA THR A 614 13.44 23.84 -22.52
C THR A 614 12.39 23.11 -23.32
N TRP A 615 11.50 23.88 -23.97
CA TRP A 615 10.46 23.27 -24.79
C TRP A 615 11.07 22.50 -25.96
N GLU A 616 12.07 23.08 -26.62
CA GLU A 616 12.73 22.38 -27.72
C GLU A 616 13.45 21.13 -27.24
N GLY A 617 13.94 21.12 -26.00
CA GLY A 617 14.51 19.90 -25.45
C GLY A 617 13.49 18.78 -25.38
N MET A 618 12.26 19.11 -24.95
CA MET A 618 11.22 18.10 -24.95
C MET A 618 10.80 17.73 -26.36
N ASN A 619 10.94 18.66 -27.32
CA ASN A 619 10.73 18.27 -28.71
C ASN A 619 11.74 17.21 -29.14
N LYS A 620 13.01 17.38 -28.76
CA LYS A 620 14.02 16.38 -29.07
C LYS A 620 13.69 15.05 -28.39
N ASN A 621 13.26 15.10 -27.14
CA ASN A 621 12.89 13.88 -26.43
C ASN A 621 11.72 13.19 -27.12
N ILE A 622 10.72 13.96 -27.56
CA ILE A 622 9.58 13.39 -28.27
C ILE A 622 10.05 12.76 -29.57
N GLN A 623 11.00 13.40 -30.26
CA GLN A 623 11.54 12.81 -31.48
C GLN A 623 12.18 11.46 -31.20
N ILE A 624 12.98 11.38 -30.13
CA ILE A 624 13.64 10.13 -29.78
C ILE A 624 12.60 9.05 -29.47
N LEU A 625 11.58 9.42 -28.69
CA LEU A 625 10.53 8.45 -28.34
C LEU A 625 9.79 7.98 -29.58
N GLU A 626 9.47 8.91 -30.49
CA GLU A 626 8.77 8.53 -31.72
C GLU A 626 9.62 7.60 -32.57
N THR A 627 10.92 7.86 -32.66
CA THR A 627 11.80 6.96 -33.41
C THR A 627 11.80 5.57 -32.78
N PHE A 628 11.91 5.50 -31.45
CA PHE A 628 11.91 4.20 -30.80
C PHE A 628 10.60 3.46 -31.03
N CYS A 629 9.48 4.17 -30.94
CA CYS A 629 8.18 3.53 -31.13
C CYS A 629 8.00 3.07 -32.57
N ASN A 630 8.50 3.84 -33.54
CA ASN A 630 8.47 3.41 -34.93
C ASN A 630 9.29 2.14 -35.11
N LEU A 631 10.47 2.07 -34.50
CA LEU A 631 11.35 0.94 -34.73
C LEU A 631 10.86 -0.31 -34.02
N SER A 632 10.74 -0.26 -32.69
CA SER A 632 10.40 -1.44 -31.91
C SER A 632 9.00 -1.95 -32.19
N GLY A 633 8.12 -1.11 -32.74
CA GLY A 633 6.74 -1.49 -32.99
C GLY A 633 5.78 -1.10 -31.88
N LEU A 634 6.28 -0.70 -30.72
CA LEU A 634 5.40 -0.22 -29.66
C LEU A 634 4.79 1.11 -30.05
N LYS A 635 3.53 1.32 -29.66
CA LYS A 635 2.79 2.52 -29.98
C LYS A 635 2.53 3.32 -28.71
N VAL A 636 2.71 4.62 -28.80
CA VAL A 636 2.41 5.54 -27.70
C VAL A 636 1.17 6.33 -28.09
N GLN A 637 0.12 6.22 -27.27
CA GLN A 637 -1.14 6.90 -27.54
C GLN A 637 -1.12 8.29 -26.90
N ALA A 638 -1.47 9.30 -27.69
CA ALA A 638 -1.49 10.66 -27.18
C ALA A 638 -2.68 10.94 -26.28
N LYS A 639 -3.62 10.01 -26.16
CA LYS A 639 -4.78 10.23 -25.32
C LYS A 639 -4.46 10.08 -23.84
N LYS A 640 -3.45 9.28 -23.50
CA LYS A 640 -3.04 9.09 -22.11
C LYS A 640 -1.67 9.68 -21.82
N CYS A 641 -1.19 10.58 -22.67
CA CYS A 641 0.06 11.29 -22.47
C CYS A 641 -0.23 12.73 -22.09
N TYR A 642 0.48 13.22 -21.08
CA TYR A 642 0.28 14.58 -20.58
C TYR A 642 1.59 15.35 -20.65
N GLY A 643 1.54 16.63 -20.28
CA GLY A 643 2.75 17.42 -20.21
C GLY A 643 2.43 18.84 -19.79
N PHE A 644 3.50 19.57 -19.47
CA PHE A 644 3.39 20.98 -19.15
C PHE A 644 4.78 21.60 -19.17
N PHE A 645 4.80 22.94 -19.15
CA PHE A 645 6.03 23.72 -19.17
C PHE A 645 5.94 24.79 -18.09
N LEU A 646 7.09 25.15 -17.53
CA LEU A 646 7.18 25.99 -16.34
C LEU A 646 8.08 27.19 -16.58
N SER A 647 7.83 27.91 -17.68
CA SER A 647 8.64 29.08 -17.98
C SER A 647 8.60 30.07 -16.82
N PRO A 648 9.73 30.64 -16.43
CA PRO A 648 9.75 31.55 -15.26
C PRO A 648 9.59 33.01 -15.62
N THR A 649 8.96 33.74 -14.70
CA THR A 649 8.83 35.19 -14.76
C THR A 649 9.81 35.84 -13.79
N HIS A 650 9.68 37.16 -13.63
CA HIS A 650 10.49 37.87 -12.65
C HIS A 650 10.15 37.46 -11.22
N ASP A 651 8.86 37.42 -10.90
CA ASP A 651 8.41 37.12 -9.55
C ASP A 651 7.92 35.68 -9.38
N SER A 652 7.43 35.06 -10.43
CA SER A 652 6.85 33.72 -10.33
C SER A 652 7.05 33.01 -11.67
N TYR A 653 6.31 31.94 -11.88
CA TYR A 653 6.41 31.10 -13.06
C TYR A 653 5.08 31.06 -13.79
N THR A 654 5.14 31.12 -15.12
CA THR A 654 4.00 30.82 -15.95
C THR A 654 3.97 29.34 -16.27
N ILE A 655 2.77 28.82 -16.53
CA ILE A 655 2.58 27.42 -16.86
C ILE A 655 1.93 27.33 -18.23
N ASN A 656 2.53 26.56 -19.13
CA ASN A 656 2.00 26.33 -20.46
C ASN A 656 1.95 27.63 -21.26
N LYS A 657 2.96 28.49 -21.08
CA LYS A 657 3.01 29.73 -21.85
C LYS A 657 3.35 29.47 -23.32
N CYS A 658 4.01 28.36 -23.62
CA CYS A 658 4.41 28.05 -24.99
C CYS A 658 3.33 27.19 -25.65
N ASP A 659 3.62 26.72 -26.86
CA ASP A 659 2.67 25.89 -27.61
C ASP A 659 2.61 24.49 -27.04
N ALA A 660 1.53 23.78 -27.38
CA ALA A 660 1.40 22.39 -27.00
C ALA A 660 2.35 21.52 -27.82
N TRP A 661 2.68 20.35 -27.28
CA TRP A 661 3.61 19.46 -27.94
C TRP A 661 2.88 18.64 -29.01
N LYS A 662 3.67 17.99 -29.86
CA LYS A 662 3.17 17.32 -31.06
C LYS A 662 3.61 15.87 -31.09
N ILE A 663 3.36 15.14 -30.00
CA ILE A 663 3.72 13.74 -29.95
C ILE A 663 3.03 12.99 -31.10
N ASP A 664 3.82 12.20 -31.83
CA ASP A 664 3.35 11.41 -32.96
C ASP A 664 2.36 12.20 -33.82
N LYS A 665 2.80 13.40 -34.22
CA LYS A 665 2.03 14.26 -35.12
C LYS A 665 0.66 14.63 -34.55
N ASP A 666 0.48 14.50 -33.23
CA ASP A 666 -0.79 14.80 -32.58
C ASP A 666 -0.55 15.69 -31.38
N SER A 667 -1.54 16.54 -31.09
CA SER A 667 -1.42 17.51 -30.02
C SER A 667 -1.39 16.79 -28.66
N LEU A 668 -0.25 16.84 -27.99
CA LEU A 668 -0.15 16.26 -26.66
C LEU A 668 -1.06 17.01 -25.70
N ASN A 669 -1.73 16.26 -24.82
CA ASN A 669 -2.72 16.81 -23.90
C ASN A 669 -1.99 17.52 -22.77
N MET A 670 -1.74 18.81 -22.94
CA MET A 670 -1.08 19.59 -21.91
C MET A 670 -1.97 19.73 -20.68
N ILE A 671 -1.33 19.88 -19.52
CA ILE A 671 -2.04 20.02 -18.24
C ILE A 671 -2.08 21.50 -17.89
N GLN A 672 -3.27 22.03 -17.71
CA GLN A 672 -3.45 23.40 -17.26
C GLN A 672 -3.46 23.47 -15.74
N PRO A 673 -3.11 24.60 -15.15
CA PRO A 673 -3.15 24.71 -13.69
C PRO A 673 -4.52 24.36 -13.15
N GLY A 674 -4.54 23.63 -12.04
CA GLY A 674 -5.77 23.11 -11.48
C GLY A 674 -6.18 21.76 -12.02
N GLU A 675 -5.86 21.48 -13.29
CA GLU A 675 -6.08 20.16 -13.83
C GLU A 675 -5.05 19.19 -13.26
N SER A 676 -5.47 17.94 -13.11
CA SER A 676 -4.62 16.91 -12.53
C SER A 676 -4.76 15.63 -13.33
N GLU A 677 -3.65 15.17 -13.91
CA GLU A 677 -3.58 13.89 -14.59
C GLU A 677 -2.83 12.91 -13.72
N LYS A 678 -3.40 11.73 -13.52
CA LYS A 678 -2.85 10.81 -12.53
C LYS A 678 -1.51 10.24 -12.98
N TYR A 679 -0.67 9.92 -11.99
CA TYR A 679 0.67 9.40 -12.23
C TYR A 679 1.04 8.50 -11.06
N LEU A 680 1.17 7.20 -11.32
CA LEU A 680 1.51 6.22 -10.29
C LEU A 680 0.54 6.30 -9.10
N GLY A 681 -0.74 6.50 -9.40
CA GLY A 681 -1.74 6.62 -8.38
C GLY A 681 -1.86 8.00 -7.76
N LEU A 682 -0.99 8.93 -8.13
CA LEU A 682 -1.05 10.31 -7.64
C LEU A 682 -1.82 11.14 -8.66
N LYS A 683 -1.85 12.46 -8.47
CA LYS A 683 -2.65 13.35 -9.29
C LYS A 683 -1.84 14.60 -9.66
N VAL A 684 -0.65 14.39 -10.23
CA VAL A 684 0.29 15.47 -10.51
C VAL A 684 -0.45 16.69 -11.06
N ASP A 685 -0.22 17.84 -10.43
CA ASP A 685 -0.84 19.10 -10.82
C ASP A 685 0.27 20.11 -11.02
N PRO A 686 0.44 20.68 -12.21
CA PRO A 686 1.58 21.59 -12.43
C PRO A 686 1.61 22.77 -11.49
N TRP A 687 0.45 23.22 -11.01
CA TRP A 687 0.41 24.39 -10.15
C TRP A 687 0.99 24.11 -8.77
N ILE A 688 0.65 22.96 -8.19
CA ILE A 688 0.98 22.66 -6.80
C ILE A 688 1.70 21.33 -6.68
N GLY A 689 2.43 20.93 -7.72
CA GLY A 689 3.08 19.63 -7.68
C GLY A 689 2.07 18.51 -7.74
N PHE A 690 1.84 17.84 -6.62
CA PHE A 690 0.80 16.82 -6.53
C PHE A 690 -0.49 17.46 -6.06
N SER A 691 -1.59 17.17 -6.76
CA SER A 691 -2.90 17.58 -6.27
C SER A 691 -3.13 16.96 -4.90
N LYS A 692 -3.60 17.75 -3.96
CA LYS A 692 -3.84 17.23 -2.63
C LYS A 692 -4.90 16.13 -2.72
N PRO A 693 -4.63 14.93 -2.23
CA PRO A 693 -5.58 13.84 -2.43
C PRO A 693 -6.85 14.06 -1.65
N VAL A 694 -7.93 13.46 -2.12
CA VAL A 694 -9.22 13.52 -1.43
C VAL A 694 -9.22 12.35 -0.47
N LEU A 695 -8.58 12.55 0.68
CA LEU A 695 -8.50 11.51 1.69
C LEU A 695 -9.72 11.53 2.60
N ALA A 696 -10.23 12.71 2.93
CA ALA A 696 -11.44 12.78 3.72
C ALA A 696 -12.61 12.12 3.01
N GLU A 697 -12.76 12.40 1.71
CA GLU A 697 -13.89 11.86 0.96
C GLU A 697 -13.80 10.33 0.85
N LYS A 698 -12.63 9.82 0.44
CA LYS A 698 -12.46 8.37 0.32
C LYS A 698 -12.66 7.70 1.66
N LEU A 699 -12.09 8.29 2.72
CA LEU A 699 -12.24 7.73 4.06
C LEU A 699 -13.71 7.68 4.47
N THR A 700 -14.44 8.76 4.25
CA THR A 700 -15.86 8.79 4.62
C THR A 700 -16.63 7.74 3.84
N ILE A 701 -16.34 7.61 2.54
CA ILE A 701 -17.05 6.63 1.72
C ILE A 701 -16.79 5.22 2.23
N TRP A 702 -15.51 4.91 2.52
CA TRP A 702 -15.17 3.57 3.00
C TRP A 702 -15.82 3.29 4.34
N LEU A 703 -15.79 4.26 5.27
CA LEU A 703 -16.35 4.03 6.58
C LEU A 703 -17.87 3.88 6.50
N LYS A 704 -18.52 4.63 5.62
CA LYS A 704 -19.95 4.44 5.41
C LYS A 704 -20.25 3.07 4.84
N ARG A 705 -19.44 2.62 3.87
CA ARG A 705 -19.65 1.29 3.30
C ARG A 705 -19.50 0.20 4.36
N LEU A 706 -18.48 0.32 5.21
CA LEU A 706 -18.31 -0.64 6.29
C LEU A 706 -19.48 -0.59 7.26
N THR A 707 -19.96 0.62 7.58
CA THR A 707 -21.01 0.76 8.58
C THR A 707 -22.28 0.02 8.16
N GLU A 708 -22.68 0.16 6.91
CA GLU A 708 -23.93 -0.43 6.41
C GLU A 708 -23.70 -1.78 5.76
N ALA A 709 -23.06 -2.71 6.49
CA ALA A 709 -22.82 -4.05 5.99
C ALA A 709 -23.14 -5.06 7.09
N PRO A 710 -23.53 -6.29 6.73
CA PRO A 710 -23.74 -7.33 7.76
C PRO A 710 -22.43 -7.79 8.36
N LEU A 711 -21.78 -6.92 9.13
CA LEU A 711 -20.38 -7.05 9.51
C LEU A 711 -20.21 -6.75 11.00
N LYS A 712 -20.84 -7.55 11.85
CA LYS A 712 -20.98 -7.30 13.28
C LYS A 712 -19.78 -6.55 13.84
N PRO A 713 -20.01 -5.54 14.72
CA PRO A 713 -18.97 -4.57 15.07
C PRO A 713 -17.55 -5.10 15.14
N SER A 714 -17.33 -6.25 15.77
CA SER A 714 -15.97 -6.80 15.83
C SER A 714 -15.44 -7.08 14.43
N GLN A 715 -16.27 -7.65 13.57
CA GLN A 715 -15.86 -7.89 12.19
C GLN A 715 -15.63 -6.58 11.45
N LYS A 716 -16.45 -5.56 11.74
CA LYS A 716 -16.21 -4.24 11.15
C LYS A 716 -14.84 -3.71 11.54
N LEU A 717 -14.48 -3.83 12.81
CA LEU A 717 -13.18 -3.33 13.27
C LEU A 717 -12.05 -4.11 12.63
N THR A 718 -12.19 -5.44 12.55
CA THR A 718 -11.15 -6.24 11.91
C THR A 718 -10.96 -5.82 10.45
N MET A 719 -12.07 -5.67 9.72
CA MET A 719 -11.99 -5.25 8.33
C MET A 719 -11.32 -3.90 8.20
N LEU A 720 -11.72 -2.95 9.05
CA LEU A 720 -11.12 -1.62 9.05
C LEU A 720 -9.61 -1.71 9.25
N ASN A 721 -9.20 -2.30 10.37
CA ASN A 721 -7.79 -2.33 10.72
C ASN A 721 -6.96 -3.01 9.64
N ILE A 722 -7.45 -4.12 9.10
CA ILE A 722 -6.60 -4.97 8.28
C ILE A 722 -6.70 -4.69 6.78
N TYR A 723 -7.75 -4.01 6.33
CA TYR A 723 -7.98 -3.89 4.88
C TYR A 723 -8.25 -2.46 4.41
N THR A 724 -8.74 -1.59 5.28
CA THR A 724 -9.10 -0.25 4.86
C THR A 724 -7.94 0.73 5.01
N ILE A 725 -7.27 0.71 6.16
CA ILE A 725 -6.25 1.73 6.43
C ILE A 725 -5.14 1.71 5.41
N PRO A 726 -4.60 0.56 4.99
CA PRO A 726 -3.46 0.60 4.05
C PRO A 726 -3.75 1.36 2.75
N ARG A 727 -4.99 1.24 2.25
CA ARG A 727 -5.35 1.92 1.03
C ARG A 727 -5.13 3.42 1.15
N ILE A 728 -5.55 4.00 2.27
CA ILE A 728 -5.30 5.42 2.50
C ILE A 728 -3.86 5.66 2.92
N ILE A 729 -3.18 4.65 3.47
CA ILE A 729 -1.80 4.83 3.91
C ILE A 729 -0.93 5.19 2.72
N TYR A 730 -1.07 4.47 1.62
CA TYR A 730 -0.20 4.73 0.48
C TYR A 730 -0.27 6.19 0.04
N LEU A 731 -1.49 6.67 -0.22
CA LEU A 731 -1.65 8.03 -0.72
C LEU A 731 -1.30 9.06 0.33
N ALA A 732 -1.65 8.80 1.59
CA ALA A 732 -1.34 9.76 2.65
C ALA A 732 0.16 9.93 2.82
N ASP A 733 0.91 8.83 2.75
CA ASP A 733 2.36 8.92 2.96
C ASP A 733 3.07 9.49 1.73
N HIS A 734 2.65 9.10 0.51
CA HIS A 734 3.40 9.53 -0.66
C HIS A 734 3.11 10.98 -1.03
N THR A 735 1.99 11.53 -0.61
CA THR A 735 1.77 12.98 -0.63
C THR A 735 2.18 13.53 0.73
N ASP A 736 3.01 14.57 0.72
CA ASP A 736 3.34 15.19 2.00
C ASP A 736 2.03 15.61 2.65
N THR A 737 1.62 14.90 3.68
CA THR A 737 0.33 15.10 4.33
C THR A 737 0.58 15.63 5.73
N LYS A 738 0.07 16.83 6.00
CA LYS A 738 0.41 17.51 7.24
C LYS A 738 -0.34 16.87 8.41
N LYS A 739 0.11 17.21 9.62
CA LYS A 739 -0.43 16.56 10.80
C LYS A 739 -1.88 16.97 11.08
N THR A 740 -2.28 18.17 10.65
CA THR A 740 -3.64 18.62 10.93
C THR A 740 -4.68 17.81 10.16
N LEU A 741 -4.46 17.62 8.87
CA LEU A 741 -5.40 16.83 8.08
C LEU A 741 -5.45 15.38 8.57
N LEU A 742 -4.28 14.82 8.89
CA LEU A 742 -4.25 13.46 9.41
C LEU A 742 -4.96 13.37 10.75
N SER A 743 -4.83 14.40 11.59
CA SER A 743 -5.55 14.42 12.85
C SER A 743 -7.06 14.48 12.63
N SER A 744 -7.50 15.26 11.64
CA SER A 744 -8.93 15.31 11.32
C SER A 744 -9.43 13.95 10.85
N LEU A 745 -8.66 13.29 9.98
CA LEU A 745 -9.02 11.93 9.57
C LEU A 745 -9.06 10.99 10.76
N ASP A 746 -8.13 11.15 11.69
CA ASP A 746 -8.11 10.33 12.89
C ASP A 746 -9.36 10.55 13.72
N ASP A 747 -9.80 11.80 13.87
CA ASP A 747 -11.04 12.05 14.60
C ASP A 747 -12.22 11.40 13.91
N ASN A 748 -12.27 11.49 12.57
CA ASN A 748 -13.34 10.83 11.84
C ASN A 748 -13.35 9.33 12.10
N ILE A 749 -12.19 8.68 11.96
CA ILE A 749 -12.11 7.24 12.16
C ILE A 749 -12.47 6.90 13.60
N ARG A 750 -12.01 7.70 14.55
CA ARG A 750 -12.27 7.40 15.96
C ARG A 750 -13.76 7.46 16.26
N THR A 751 -14.44 8.50 15.78
CA THR A 751 -15.88 8.59 16.00
C THR A 751 -16.61 7.43 15.35
N VAL A 752 -16.23 7.08 14.12
CA VAL A 752 -16.93 5.99 13.44
C VAL A 752 -16.71 4.67 14.17
N VAL A 753 -15.47 4.41 14.60
CA VAL A 753 -15.17 3.17 15.30
C VAL A 753 -15.91 3.11 16.63
N LYS A 754 -15.94 4.22 17.37
CA LYS A 754 -16.68 4.24 18.63
C LYS A 754 -18.16 3.98 18.39
N GLY A 755 -18.71 4.53 17.31
CA GLY A 755 -20.08 4.22 16.97
C GLY A 755 -20.27 2.73 16.66
N TRP A 756 -19.35 2.15 15.91
CA TRP A 756 -19.42 0.72 15.62
C TRP A 756 -19.46 -0.10 16.90
N LEU A 757 -18.52 0.17 17.80
CA LEU A 757 -18.37 -0.61 19.02
C LEU A 757 -19.21 -0.08 20.17
N HIS A 758 -20.04 0.93 19.94
CA HIS A 758 -20.90 1.51 20.97
C HIS A 758 -20.10 2.03 22.15
N LEU A 759 -18.82 2.33 21.94
CA LEU A 759 -18.02 2.94 23.00
C LEU A 759 -18.45 4.39 23.18
N PRO A 760 -18.48 4.89 24.40
CA PRO A 760 -18.86 6.29 24.61
C PRO A 760 -17.87 7.21 23.95
N PRO A 761 -18.31 8.41 23.53
CA PRO A 761 -17.40 9.29 22.79
C PRO A 761 -16.13 9.64 23.54
N ASP A 762 -16.18 9.67 24.87
CA ASP A 762 -15.05 10.08 25.68
C ASP A 762 -14.09 8.94 25.99
N THR A 763 -14.27 7.78 25.37
CA THR A 763 -13.36 6.67 25.61
C THR A 763 -11.93 7.08 25.28
N CYS A 764 -11.00 6.67 26.13
CA CYS A 764 -9.62 7.11 25.99
C CYS A 764 -9.07 6.73 24.62
N ASN A 765 -8.32 7.66 24.02
CA ASN A 765 -7.69 7.40 22.74
C ASN A 765 -6.67 6.28 22.84
N GLY A 766 -6.00 6.16 23.98
CA GLY A 766 -5.02 5.09 24.14
C GLY A 766 -5.62 3.72 23.94
N PHE A 767 -6.84 3.52 24.44
CA PHE A 767 -7.51 2.24 24.24
C PHE A 767 -7.73 1.96 22.77
N ILE A 768 -8.17 2.97 22.02
CA ILE A 768 -8.42 2.78 20.59
C ILE A 768 -7.12 2.52 19.85
N TYR A 769 -6.01 3.09 20.31
CA TYR A 769 -4.79 3.10 19.52
C TYR A 769 -3.76 2.06 19.95
N THR A 770 -3.81 1.58 21.19
CA THR A 770 -2.92 0.50 21.59
C THR A 770 -3.26 -0.77 20.82
N LYS A 771 -2.24 -1.55 20.49
CA LYS A 771 -2.44 -2.73 19.66
C LYS A 771 -3.23 -3.79 20.43
N THR A 772 -3.83 -4.71 19.66
CA THR A 772 -4.67 -5.75 20.28
C THR A 772 -3.87 -6.57 21.28
N ARG A 773 -2.63 -6.92 20.95
CA ARG A 773 -1.80 -7.65 21.89
C ARG A 773 -1.61 -6.87 23.18
N ASP A 774 -1.63 -5.53 23.11
CA ASP A 774 -1.43 -4.69 24.27
C ASP A 774 -2.73 -4.35 24.99
N GLY A 775 -3.86 -4.86 24.53
CA GLY A 775 -5.14 -4.64 25.17
C GLY A 775 -6.06 -3.68 24.46
N GLY A 776 -5.57 -2.94 23.47
CA GLY A 776 -6.38 -1.97 22.75
C GLY A 776 -7.09 -2.59 21.56
N LEU A 777 -7.68 -1.71 20.76
CA LEU A 777 -8.40 -2.12 19.57
C LEU A 777 -7.51 -2.20 18.34
N GLY A 778 -6.26 -1.78 18.43
CA GLY A 778 -5.36 -1.85 17.29
C GLY A 778 -5.80 -1.02 16.11
N VAL A 779 -6.30 0.19 16.37
CA VAL A 779 -6.71 1.11 15.31
C VAL A 779 -5.54 2.03 15.01
N THR A 780 -5.21 2.16 13.73
CA THR A 780 -4.08 2.98 13.32
C THR A 780 -4.37 4.46 13.55
N ARG A 781 -3.40 5.17 14.12
CA ARG A 781 -3.47 6.62 14.26
C ARG A 781 -2.69 7.23 13.09
N LEU A 782 -3.41 7.75 12.11
CA LEU A 782 -2.75 8.28 10.92
C LEU A 782 -1.82 9.43 11.28
N ALA A 783 -2.26 10.32 12.18
CA ALA A 783 -1.43 11.46 12.56
C ALA A 783 -0.11 11.04 13.18
N SER A 784 -0.02 9.80 13.67
CA SER A 784 1.20 9.30 14.29
C SER A 784 1.90 8.22 13.49
N LEU A 785 1.22 7.62 12.51
CA LEU A 785 1.84 6.62 11.64
C LEU A 785 2.34 7.22 10.34
N ILE A 786 1.49 7.99 9.65
CA ILE A 786 1.89 8.54 8.35
C ILE A 786 3.17 9.35 8.46
N PRO A 787 3.39 10.18 9.49
CA PRO A 787 4.70 10.83 9.61
C PRO A 787 5.85 9.85 9.77
N SER A 788 5.63 8.74 10.47
CA SER A 788 6.70 7.74 10.61
C SER A 788 7.04 7.13 9.26
N ILE A 789 6.01 6.73 8.50
CA ILE A 789 6.25 6.17 7.17
C ILE A 789 6.90 7.20 6.28
N GLN A 790 6.52 8.47 6.42
CA GLN A 790 7.11 9.52 5.61
C GLN A 790 8.58 9.70 5.93
N ALA A 791 8.93 9.69 7.22
CA ALA A 791 10.34 9.81 7.59
C ALA A 791 11.14 8.62 7.07
N ARG A 792 10.58 7.42 7.18
CA ARG A 792 11.28 6.24 6.67
C ARG A 792 11.44 6.32 5.15
N ARG A 793 10.43 6.81 4.44
CA ARG A 793 10.52 6.94 3.00
C ARG A 793 11.57 7.98 2.61
N LEU A 794 11.63 9.10 3.34
CA LEU A 794 12.65 10.10 3.07
C LEU A 794 14.04 9.52 3.30
N HIS A 795 14.20 8.74 4.37
CA HIS A 795 15.49 8.08 4.60
C HIS A 795 15.81 7.11 3.47
N ARG A 796 14.81 6.37 2.99
CA ARG A 796 15.03 5.42 1.91
C ARG A 796 15.46 6.12 0.63
N ILE A 797 14.80 7.24 0.31
CA ILE A 797 15.16 7.98 -0.91
C ILE A 797 16.54 8.61 -0.75
N ALA A 798 16.85 9.09 0.46
CA ALA A 798 18.17 9.68 0.69
C ALA A 798 19.28 8.66 0.49
N THR A 799 19.08 7.44 0.97
CA THR A 799 20.06 6.37 0.88
C THR A 799 19.76 5.40 -0.26
N SER A 800 19.19 5.90 -1.35
CA SER A 800 18.86 5.04 -2.48
C SER A 800 20.14 4.53 -3.15
N GLU A 801 19.98 3.45 -3.91
CA GLU A 801 21.10 2.90 -4.66
C GLU A 801 21.45 3.75 -5.88
N ASP A 802 20.52 4.59 -6.34
CA ASP A 802 20.77 5.45 -7.49
C ASP A 802 21.50 6.72 -7.02
N GLU A 803 22.74 6.89 -7.47
CA GLU A 803 23.46 8.12 -7.15
C GLU A 803 22.71 9.33 -7.70
N THR A 804 22.02 9.17 -8.83
CA THR A 804 21.23 10.27 -9.37
C THR A 804 20.14 10.68 -8.38
N ILE A 805 19.38 9.71 -7.86
CA ILE A 805 18.31 10.03 -6.93
C ILE A 805 18.90 10.67 -5.66
N ARG A 806 20.00 10.12 -5.17
CA ARG A 806 20.64 10.69 -3.99
C ARG A 806 20.96 12.16 -4.28
N ASN A 807 21.87 12.41 -5.21
CA ASN A 807 22.22 13.79 -5.55
C ASN A 807 20.99 14.68 -5.65
N ILE A 808 19.99 14.25 -6.42
CA ILE A 808 18.82 15.09 -6.67
C ILE A 808 18.14 15.45 -5.35
N ALA A 809 17.98 14.47 -4.46
CA ALA A 809 17.21 14.71 -3.24
C ALA A 809 18.05 15.43 -2.18
N MET A 810 19.28 14.99 -1.97
CA MET A 810 20.19 15.69 -1.07
C MET A 810 20.28 17.17 -1.42
N ALA A 811 20.45 17.49 -2.71
CA ALA A 811 20.61 18.88 -3.11
C ALA A 811 19.39 19.73 -2.74
N ASN A 812 18.22 19.11 -2.57
CA ASN A 812 17.02 19.82 -2.15
C ASN A 812 16.91 19.89 -0.63
N ASN A 813 18.03 19.77 0.08
CA ASN A 813 18.07 19.95 1.54
C ASN A 813 16.96 19.16 2.23
N ILE A 814 16.73 17.92 1.76
CA ILE A 814 15.80 17.03 2.45
C ILE A 814 16.37 16.50 3.75
N GLU A 815 17.59 16.86 4.11
CA GLU A 815 18.08 16.56 5.45
C GLU A 815 17.22 17.27 6.48
N GLU A 816 16.94 18.56 6.25
CA GLU A 816 16.07 19.30 7.16
C GLU A 816 14.65 18.75 7.15
N GLU A 817 14.15 18.38 5.97
CA GLU A 817 12.81 17.79 5.90
C GLU A 817 12.74 16.49 6.68
N PHE A 818 13.76 15.64 6.53
CA PHE A 818 13.80 14.39 7.27
C PHE A 818 13.89 14.62 8.76
N GLN A 819 14.69 15.62 9.18
CA GLN A 819 14.77 15.93 10.60
C GLN A 819 13.43 16.41 11.14
N ASN A 820 12.75 17.28 10.39
CA ASN A 820 11.45 17.76 10.83
C ASN A 820 10.44 16.63 10.92
N LEU A 821 10.43 15.73 9.94
CA LEU A 821 9.52 14.58 10.01
C LEU A 821 9.88 13.66 11.18
N TRP A 822 11.17 13.48 11.44
CA TRP A 822 11.59 12.64 12.55
C TRP A 822 11.11 13.22 13.87
N VAL A 823 11.21 14.54 14.04
CA VAL A 823 10.72 15.17 15.25
C VAL A 823 9.20 15.08 15.32
N THR A 824 8.52 15.30 14.18
CA THR A 824 7.06 15.27 14.15
C THR A 824 6.53 13.89 14.50
N ALA A 825 7.17 12.84 13.97
CA ALA A 825 6.69 11.48 14.21
C ALA A 825 6.79 11.08 15.67
N GLY A 826 7.52 11.84 16.48
CA GLY A 826 7.72 11.51 17.88
C GLY A 826 9.14 11.14 18.23
N GLY A 827 10.08 11.25 17.29
CA GLY A 827 11.47 10.96 17.58
C GLY A 827 12.14 12.08 18.35
N LYS A 828 13.33 11.78 18.86
CA LYS A 828 14.12 12.74 19.61
C LYS A 828 15.20 13.33 18.74
N LYS A 829 15.49 14.61 18.98
CA LYS A 829 16.52 15.30 18.19
C LYS A 829 17.83 14.52 18.19
N GLU A 830 18.23 13.99 19.35
CA GLU A 830 19.49 13.25 19.43
C GLU A 830 19.43 11.97 18.60
N GLU A 831 18.29 11.29 18.61
CA GLU A 831 18.18 9.99 17.95
C GLU A 831 18.28 10.09 16.43
N ILE A 832 18.10 11.28 15.87
CA ILE A 832 18.06 11.46 14.42
C ILE A 832 19.26 10.78 13.78
N PRO A 833 19.06 9.74 12.97
CA PRO A 833 20.21 9.15 12.27
C PRO A 833 20.75 10.10 11.22
N ARG A 834 22.05 9.98 10.95
CA ARG A 834 22.68 10.73 9.87
C ARG A 834 22.20 10.16 8.55
N ILE A 835 21.36 10.92 7.85
CA ILE A 835 20.67 10.43 6.66
C ILE A 835 21.64 9.86 5.65
N THR A 836 22.91 10.28 5.72
CA THR A 836 23.94 9.78 4.83
C THR A 836 24.64 8.53 5.35
N ASP A 837 24.37 8.11 6.58
CA ASP A 837 25.05 6.95 7.14
C ASP A 837 24.50 5.67 6.51
N PRO A 838 25.28 4.59 6.54
CA PRO A 838 24.80 3.32 5.98
C PRO A 838 23.64 2.77 6.81
N VAL A 839 22.77 2.02 6.13
CA VAL A 839 21.58 1.46 6.75
C VAL A 839 21.80 -0.02 7.01
N SER A 840 21.46 -0.46 8.22
CA SER A 840 21.64 -1.86 8.58
C SER A 840 20.82 -2.76 7.66
N ILE A 841 21.44 -3.85 7.24
CA ILE A 841 20.81 -4.84 6.36
C ILE A 841 20.75 -6.16 7.10
N ASP A 842 19.57 -6.79 7.08
CA ASP A 842 19.40 -8.12 7.64
C ASP A 842 19.09 -9.11 6.52
N TYR A 843 19.34 -10.39 6.82
CA TYR A 843 19.18 -11.44 5.83
C TYR A 843 18.34 -12.61 6.34
N ARG A 844 17.89 -12.58 7.59
CA ARG A 844 17.06 -13.64 8.17
C ARG A 844 17.78 -14.98 8.23
N LEU A 845 19.10 -14.98 8.08
CA LEU A 845 19.88 -16.20 8.21
C LEU A 845 21.17 -15.90 8.97
N PRO A 846 21.71 -16.88 9.68
CA PRO A 846 23.02 -16.65 10.34
C PRO A 846 24.12 -16.44 9.32
N ARG A 847 25.16 -15.71 9.76
CA ARG A 847 26.28 -15.43 8.87
C ARG A 847 26.93 -16.72 8.38
N ARG A 848 27.05 -17.71 9.26
CA ARG A 848 27.66 -18.98 8.86
C ARG A 848 26.85 -19.65 7.76
N ILE A 849 25.52 -19.69 7.94
CA ILE A 849 24.67 -20.30 6.92
C ILE A 849 24.76 -19.52 5.62
N LEU A 850 24.79 -18.19 5.70
CA LEU A 850 24.89 -17.37 4.51
C LEU A 850 26.17 -17.68 3.74
N GLU A 851 27.30 -17.66 4.42
CA GLU A 851 28.57 -17.95 3.76
C GLU A 851 28.70 -19.42 3.36
N LEU A 852 27.80 -20.28 3.83
CA LEU A 852 27.82 -21.69 3.47
C LEU A 852 27.25 -21.94 2.08
N LEU A 853 26.52 -20.99 1.51
CA LEU A 853 25.87 -21.17 0.22
C LEU A 853 26.17 -19.99 -0.69
N ASN A 854 25.94 -20.19 -1.98
CA ASN A 854 26.25 -19.19 -2.99
C ASN A 854 25.23 -18.06 -2.93
N GLU A 855 25.39 -17.08 -3.83
CA GLU A 855 24.52 -15.90 -3.84
C GLU A 855 23.18 -16.17 -4.50
N TRP A 856 23.05 -17.25 -5.27
CA TRP A 856 21.77 -17.56 -5.89
C TRP A 856 20.80 -18.16 -4.89
N GLU A 857 21.30 -18.84 -3.87
CA GLU A 857 20.46 -19.41 -2.82
C GLU A 857 20.31 -18.47 -1.63
N LYS A 858 20.97 -17.33 -1.63
CA LYS A 858 20.88 -16.40 -0.52
C LYS A 858 19.54 -15.69 -0.55
N PRO A 859 18.75 -15.72 0.53
CA PRO A 859 17.51 -14.94 0.55
C PRO A 859 17.82 -13.46 0.35
N ALA A 860 16.91 -12.79 -0.34
CA ALA A 860 17.15 -11.40 -0.71
C ALA A 860 17.37 -10.55 0.54
N PRO A 861 18.49 -9.83 0.65
CA PRO A 861 18.71 -9.00 1.84
C PRO A 861 17.64 -7.92 1.94
N LYS A 862 17.26 -7.62 3.18
CA LYS A 862 16.24 -6.61 3.46
C LYS A 862 16.91 -5.46 4.22
N LYS A 863 16.77 -4.25 3.69
CA LYS A 863 17.31 -3.07 4.34
C LYS A 863 16.36 -2.64 5.46
N MET A 864 16.88 -2.52 6.66
CA MET A 864 16.08 -2.15 7.83
C MET A 864 16.25 -0.66 8.10
N TYR A 865 15.15 0.08 8.01
CA TYR A 865 15.20 1.53 8.21
C TYR A 865 14.61 1.88 9.56
N PRO A 866 15.26 2.74 10.34
CA PRO A 866 14.79 2.99 11.71
C PRO A 866 13.45 3.69 11.73
N ILE A 867 12.71 3.45 12.80
CA ILE A 867 11.43 4.11 13.03
C ILE A 867 11.66 5.29 13.97
N PRO A 868 11.06 6.45 13.72
CA PRO A 868 11.27 7.58 14.66
C PRO A 868 10.93 7.24 16.10
N CYS A 869 9.86 6.48 16.32
CA CYS A 869 9.47 6.10 17.67
C CYS A 869 8.35 5.07 17.57
N ASN A 870 8.27 4.20 18.58
CA ASN A 870 7.19 3.23 18.69
C ASN A 870 5.96 3.98 19.20
N TRP A 871 5.26 4.62 18.28
CA TRP A 871 4.13 5.47 18.66
C TRP A 871 3.06 4.69 19.40
N ARG A 872 2.96 3.38 19.17
CA ARG A 872 2.05 2.56 19.95
C ARG A 872 2.45 2.55 21.42
N GLU A 873 3.76 2.51 21.68
CA GLU A 873 4.23 2.63 23.07
C GLU A 873 3.83 3.97 23.66
N ALA A 874 3.92 5.04 22.87
CA ALA A 874 3.50 6.35 23.34
C ALA A 874 2.01 6.37 23.68
N GLU A 875 1.19 5.74 22.82
CA GLU A 875 -0.24 5.66 23.10
C GLU A 875 -0.51 4.89 24.38
N MET A 876 0.19 3.77 24.58
CA MET A 876 0.01 3.01 25.80
C MET A 876 0.44 3.81 27.02
N ALA A 877 1.55 4.55 26.92
CA ALA A 877 2.01 5.37 28.03
C ALA A 877 0.98 6.45 28.36
N HIS A 878 0.39 7.06 27.33
CA HIS A 878 -0.68 8.02 27.56
C HIS A 878 -1.85 7.35 28.26
N TRP A 879 -2.20 6.13 27.83
CA TRP A 879 -3.33 5.43 28.43
C TRP A 879 -3.09 5.17 29.91
N LYS A 880 -1.88 4.72 30.27
CA LYS A 880 -1.59 4.43 31.67
C LYS A 880 -1.68 5.67 32.53
N ASN A 881 -1.31 6.83 31.99
CA ASN A 881 -1.31 8.05 32.79
C ASN A 881 -2.71 8.51 33.19
N LEU A 882 -3.75 7.98 32.56
CA LEU A 882 -5.11 8.40 32.87
C LEU A 882 -5.55 7.80 34.20
N PRO A 883 -5.87 8.61 35.21
CA PRO A 883 -6.18 8.02 36.53
C PRO A 883 -7.37 7.08 36.54
N CYS A 884 -8.40 7.36 35.75
CA CYS A 884 -9.64 6.59 35.80
C CYS A 884 -9.78 5.59 34.66
N GLN A 885 -9.45 5.98 33.44
CA GLN A 885 -9.57 5.10 32.28
C GLN A 885 -8.29 4.32 32.01
N GLY A 886 -7.38 4.27 32.97
CA GLY A 886 -6.14 3.53 32.79
C GLY A 886 -5.67 2.82 34.03
N SER A 887 -6.54 2.77 35.05
CA SER A 887 -6.15 2.14 36.31
C SER A 887 -5.91 0.66 36.10
N GLY A 888 -4.77 0.18 36.59
CA GLY A 888 -4.45 -1.23 36.49
C GLY A 888 -4.27 -1.73 35.08
N ILE A 889 -4.10 -0.83 34.10
CA ILE A 889 -3.92 -1.26 32.72
C ILE A 889 -2.47 -1.60 32.40
N GLU A 890 -1.55 -1.34 33.32
CA GLU A 890 -0.18 -1.81 33.13
C GLU A 890 -0.07 -3.32 33.22
N HIS A 891 -1.06 -3.98 33.82
CA HIS A 891 -1.04 -5.43 33.93
C HIS A 891 -1.12 -6.09 32.56
N PHE A 892 -1.98 -5.56 31.68
CA PHE A 892 -2.12 -6.13 30.34
C PHE A 892 -1.00 -5.71 29.40
N ASP A 893 -0.11 -4.85 29.83
CA ASP A 893 0.98 -4.41 28.98
C ASP A 893 1.84 -5.59 28.56
N ASN A 894 2.19 -5.64 27.28
CA ASN A 894 3.06 -6.66 26.71
C ASN A 894 2.73 -8.05 27.23
N ASP A 895 1.45 -8.35 27.40
CA ASP A 895 0.97 -9.67 27.81
C ASP A 895 0.26 -10.31 26.63
N THR A 896 0.72 -11.48 26.22
CA THR A 896 0.20 -12.17 25.05
C THR A 896 -0.92 -13.15 25.37
N ILE A 897 -1.24 -13.36 26.65
CA ILE A 897 -2.27 -14.30 27.04
C ILE A 897 -3.58 -13.56 27.28
N SER A 898 -3.55 -12.59 28.18
CA SER A 898 -4.77 -11.91 28.59
C SER A 898 -5.44 -11.15 27.46
N ASN A 899 -4.68 -10.77 26.43
CA ASN A 899 -5.20 -10.01 25.32
C ASN A 899 -5.49 -10.87 24.09
N ASP A 900 -5.46 -12.20 24.24
CA ASP A 900 -5.76 -13.07 23.11
C ASP A 900 -7.21 -12.91 22.66
N TRP A 901 -8.13 -12.77 23.62
CA TRP A 901 -9.54 -12.69 23.27
C TRP A 901 -9.83 -11.49 22.36
N LEU A 902 -9.08 -10.40 22.52
CA LEU A 902 -9.33 -9.23 21.69
C LEU A 902 -9.18 -9.54 20.21
N GLN A 903 -8.34 -10.53 19.88
CA GLN A 903 -8.09 -10.90 18.50
C GLN A 903 -8.72 -12.21 18.09
N PHE A 904 -8.99 -13.11 19.04
CA PHE A 904 -9.66 -14.39 18.78
C PHE A 904 -10.79 -14.52 19.80
N HIS A 905 -11.97 -14.02 19.43
CA HIS A 905 -13.11 -13.93 20.33
C HIS A 905 -14.24 -14.87 19.92
N ARG A 906 -13.95 -15.91 19.15
CA ARG A 906 -14.96 -16.92 18.89
C ARG A 906 -15.41 -17.53 20.22
N GLY A 907 -16.72 -17.67 20.38
CA GLY A 907 -17.29 -18.02 21.66
C GLY A 907 -17.75 -16.83 22.48
N PHE A 908 -17.27 -15.63 22.15
CA PHE A 908 -17.81 -14.39 22.69
C PHE A 908 -18.95 -13.93 21.81
N SER A 909 -20.15 -13.84 22.37
CA SER A 909 -21.23 -13.19 21.65
C SER A 909 -20.86 -11.74 21.40
N GLU A 910 -21.32 -11.20 20.27
CA GLU A 910 -20.96 -9.83 19.92
C GLU A 910 -21.24 -8.89 21.07
N ARG A 911 -22.39 -9.07 21.74
CA ARG A 911 -22.66 -8.30 22.95
C ARG A 911 -21.61 -8.55 24.00
N GLN A 912 -21.22 -9.81 24.19
CA GLN A 912 -20.19 -10.13 25.17
C GLN A 912 -18.86 -9.49 24.81
N PHE A 913 -18.50 -9.52 23.53
CA PHE A 913 -17.24 -8.92 23.12
C PHE A 913 -17.23 -7.41 23.33
N LEU A 914 -18.32 -6.73 22.98
CA LEU A 914 -18.39 -5.29 23.18
C LEU A 914 -18.36 -4.94 24.67
N MET A 915 -19.08 -5.71 25.48
CA MET A 915 -19.05 -5.47 26.93
C MET A 915 -17.67 -5.72 27.50
N GLY A 916 -16.96 -6.71 26.95
CA GLY A 916 -15.58 -6.93 27.37
C GLY A 916 -14.68 -5.76 26.99
N LEU A 917 -14.87 -5.20 25.80
CA LEU A 917 -14.13 -4.01 25.42
C LEU A 917 -14.38 -2.88 26.39
N LYS A 918 -15.66 -2.63 26.72
CA LYS A 918 -15.99 -1.58 27.66
C LYS A 918 -15.33 -1.82 29.01
N ILE A 919 -15.39 -3.07 29.50
CA ILE A 919 -14.80 -3.38 30.80
C ILE A 919 -13.30 -3.14 30.77
N ARG A 920 -12.63 -3.63 29.73
CA ARG A 920 -11.18 -3.51 29.66
C ARG A 920 -10.75 -2.06 29.55
N ALA A 921 -11.52 -1.24 28.83
CA ALA A 921 -11.21 0.18 28.72
C ALA A 921 -11.69 0.98 29.92
N ASN A 922 -12.38 0.35 30.87
CA ASN A 922 -12.88 1.04 32.06
C ASN A 922 -13.81 2.18 31.68
N VAL A 923 -14.65 1.95 30.68
CA VAL A 923 -15.66 2.91 30.27
C VAL A 923 -17.03 2.26 30.28
N TYR A 924 -17.20 1.24 31.11
CA TYR A 924 -18.51 0.62 31.25
C TYR A 924 -19.46 1.59 31.92
N PRO A 925 -20.65 1.80 31.37
CA PRO A 925 -21.54 2.82 31.95
C PRO A 925 -22.08 2.45 33.31
N THR A 926 -21.23 2.54 34.34
CA THR A 926 -21.68 2.43 35.71
C THR A 926 -22.05 3.81 36.25
N ARG A 927 -22.58 3.83 37.48
CA ARG A 927 -22.93 5.11 38.09
C ARG A 927 -21.69 5.97 38.29
N GLU A 928 -20.56 5.34 38.65
CA GLU A 928 -19.32 6.08 38.80
C GLU A 928 -18.90 6.71 37.47
N TYR A 929 -18.96 5.93 36.39
CA TYR A 929 -18.64 6.47 35.08
C TYR A 929 -19.66 7.51 34.65
N GLN A 930 -20.95 7.26 34.93
CA GLN A 930 -21.98 8.22 34.54
C GLN A 930 -21.78 9.55 35.24
N GLY A 931 -21.42 9.52 36.52
CA GLY A 931 -21.14 10.72 37.28
C GLY A 931 -19.70 11.16 37.26
N ARG A 932 -18.85 10.54 36.45
CA ARG A 932 -17.44 10.91 36.40
C ARG A 932 -17.30 12.37 36.03
N GLY A 933 -16.46 13.09 36.77
CA GLY A 933 -16.18 14.49 36.49
C GLY A 933 -17.15 15.49 37.09
N ARG A 934 -18.44 15.29 36.86
CA ARG A 934 -19.44 16.22 37.36
C ARG A 934 -19.51 16.15 38.88
N THR A 935 -19.54 17.31 39.53
CA THR A 935 -19.66 17.33 40.98
C THR A 935 -21.09 17.05 41.42
N ASN A 936 -22.07 17.56 40.68
CA ASN A 936 -23.48 17.42 41.06
C ASN A 936 -24.11 16.24 40.31
N LYS A 937 -23.63 15.06 40.65
CA LYS A 937 -24.15 13.82 40.07
C LYS A 937 -23.78 12.68 40.99
N ASN A 938 -24.78 12.04 41.59
CA ASN A 938 -24.51 10.97 42.55
C ASN A 938 -23.76 9.84 41.87
N VAL A 939 -22.73 9.33 42.55
CA VAL A 939 -21.94 8.20 42.08
C VAL A 939 -22.00 7.05 43.07
N ASN A 940 -22.91 7.08 44.03
CA ASN A 940 -23.03 6.03 45.02
C ASN A 940 -23.43 4.72 44.33
N CYS A 941 -23.52 3.66 45.12
CA CYS A 941 -23.89 2.36 44.60
C CYS A 941 -25.41 2.26 44.48
N ARG A 942 -25.87 1.79 43.33
CA ARG A 942 -27.31 1.78 43.06
C ARG A 942 -28.04 0.66 43.80
N ASN A 943 -27.39 -0.49 43.99
CA ASN A 943 -28.01 -1.62 44.66
C ASN A 943 -27.24 -2.00 45.93
N CYS A 944 -26.65 -1.01 46.58
CA CYS A 944 -25.80 -1.24 47.75
C CYS A 944 -25.42 0.11 48.34
N THR A 945 -24.59 0.08 49.38
CA THR A 945 -24.23 1.27 50.13
C THR A 945 -22.80 1.75 49.87
N ALA A 946 -22.12 1.16 48.89
CA ALA A 946 -20.76 1.60 48.59
C ALA A 946 -20.76 3.04 48.08
N SER A 947 -19.72 3.77 48.44
CA SER A 947 -19.66 5.19 48.09
C SER A 947 -19.42 5.41 46.59
N TYR A 948 -18.69 4.51 45.94
CA TYR A 948 -18.36 4.65 44.53
C TYR A 948 -18.78 3.39 43.78
N GLU A 949 -19.47 3.58 42.67
CA GLU A 949 -19.96 2.47 41.85
C GLU A 949 -19.00 2.23 40.68
N SER A 950 -17.83 1.69 41.02
CA SER A 950 -16.80 1.39 40.06
C SER A 950 -16.83 -0.08 39.67
N LEU A 951 -16.08 -0.41 38.62
CA LEU A 951 -15.98 -1.81 38.19
C LEU A 951 -15.38 -2.67 39.29
N SER A 952 -14.37 -2.15 40.00
CA SER A 952 -13.77 -2.91 41.08
C SER A 952 -14.81 -3.31 42.13
N HIS A 953 -15.60 -2.35 42.60
CA HIS A 953 -16.63 -2.66 43.58
C HIS A 953 -17.68 -3.60 42.99
N ILE A 954 -18.11 -3.33 41.75
CA ILE A 954 -19.19 -4.10 41.16
C ILE A 954 -18.79 -5.56 41.05
N LEU A 955 -17.52 -5.83 40.75
CA LEU A 955 -17.05 -7.19 40.51
C LEU A 955 -16.45 -7.86 41.74
N GLY A 956 -16.11 -7.12 42.79
CA GLY A 956 -15.38 -7.71 43.89
C GLY A 956 -15.92 -7.44 45.28
N GLN A 957 -16.82 -6.47 45.44
CA GLN A 957 -17.24 -6.11 46.79
C GLN A 957 -18.75 -6.10 46.98
N CYS A 958 -19.51 -5.70 45.98
CA CYS A 958 -20.94 -5.54 46.17
C CYS A 958 -21.57 -6.88 46.56
N PRO A 959 -22.34 -6.93 47.65
CA PRO A 959 -23.04 -8.18 47.99
C PRO A 959 -24.18 -8.51 47.05
N ALA A 960 -24.64 -7.54 46.25
CA ALA A 960 -25.79 -7.79 45.39
C ALA A 960 -25.52 -8.95 44.43
N VAL A 961 -24.30 -9.03 43.91
CA VAL A 961 -23.93 -10.08 42.99
C VAL A 961 -23.13 -11.18 43.68
N GLN A 962 -23.21 -11.25 45.03
CA GLN A 962 -22.48 -12.28 45.74
C GLN A 962 -22.62 -13.63 45.05
N GLY A 963 -23.86 -14.07 44.83
CA GLY A 963 -24.07 -15.35 44.19
C GLY A 963 -23.29 -15.47 42.89
N ALA A 964 -23.49 -14.51 41.98
CA ALA A 964 -22.79 -14.58 40.71
C ALA A 964 -21.29 -14.70 40.94
N ARG A 965 -20.75 -13.86 41.83
CA ARG A 965 -19.32 -13.93 42.10
C ARG A 965 -18.93 -15.34 42.52
N ILE A 966 -19.64 -15.90 43.50
CA ILE A 966 -19.32 -17.25 43.92
C ILE A 966 -19.38 -18.18 42.72
N ARG A 967 -20.46 -18.08 41.94
CA ARG A 967 -20.58 -18.95 40.78
C ARG A 967 -19.35 -18.85 39.90
N ARG A 968 -18.94 -17.62 39.58
CA ARG A 968 -17.77 -17.45 38.75
C ARG A 968 -16.60 -18.19 39.36
N HIS A 969 -16.31 -17.91 40.63
CA HIS A 969 -15.20 -18.59 41.28
C HIS A 969 -15.36 -20.10 41.14
N ASN A 970 -16.52 -20.61 41.51
CA ASN A 970 -16.71 -22.06 41.48
C ASN A 970 -16.45 -22.58 40.07
N LYS A 971 -17.00 -21.91 39.06
CA LYS A 971 -16.82 -22.43 37.71
C LYS A 971 -15.35 -22.49 37.36
N LEU A 972 -14.59 -21.44 37.67
CA LEU A 972 -13.17 -21.47 37.37
C LEU A 972 -12.52 -22.63 38.08
N CYS A 973 -12.84 -22.82 39.37
CA CYS A 973 -12.29 -23.97 40.08
C CYS A 973 -12.59 -25.25 39.32
N SER A 974 -13.85 -25.43 38.90
CA SER A 974 -14.21 -26.63 38.18
C SER A 974 -13.32 -26.81 36.97
N MET A 975 -13.12 -25.72 36.20
CA MET A 975 -12.29 -25.83 35.02
C MET A 975 -10.91 -26.34 35.39
N LEU A 976 -10.29 -25.74 36.40
CA LEU A 976 -8.96 -26.20 36.80
C LEU A 976 -9.03 -27.66 37.22
N LYS A 977 -10.06 -28.02 37.99
CA LYS A 977 -10.22 -29.41 38.38
C LYS A 977 -10.23 -30.29 37.14
N ARG A 978 -11.01 -29.90 36.13
CA ARG A 978 -11.07 -30.70 34.91
C ARG A 978 -9.67 -30.88 34.34
N GLU A 979 -8.90 -29.80 34.26
CA GLU A 979 -7.54 -29.90 33.75
C GLU A 979 -6.75 -30.91 34.57
N ALA A 980 -6.83 -30.80 35.89
CA ALA A 980 -6.10 -31.75 36.74
C ALA A 980 -6.58 -33.16 36.50
N LYS A 981 -7.89 -33.35 36.29
CA LYS A 981 -8.39 -34.67 35.99
C LYS A 981 -7.82 -35.18 34.68
N GLU A 982 -7.69 -34.31 33.68
CA GLU A 982 -7.14 -34.72 32.40
C GLU A 982 -5.71 -35.21 32.54
N LEU A 983 -4.92 -34.53 33.37
CA LEU A 983 -3.53 -34.88 33.60
C LEU A 983 -3.37 -36.03 34.59
N LYS A 984 -4.45 -36.75 34.89
CA LYS A 984 -4.42 -37.93 35.77
C LYS A 984 -3.99 -37.54 37.18
N TRP A 985 -4.76 -36.64 37.78
CA TRP A 985 -4.56 -36.21 39.16
C TRP A 985 -5.85 -36.46 39.94
N VAL A 986 -5.74 -37.11 41.09
CA VAL A 986 -6.90 -37.26 41.96
C VAL A 986 -7.25 -35.92 42.57
N VAL A 987 -8.53 -35.56 42.53
CA VAL A 987 -9.00 -34.24 42.90
C VAL A 987 -9.90 -34.34 44.12
N TYR A 988 -9.63 -33.50 45.11
CA TYR A 988 -10.53 -33.29 46.25
C TYR A 988 -11.00 -31.84 46.21
N GLU A 989 -12.31 -31.64 46.24
CA GLU A 989 -12.92 -30.34 46.08
C GLU A 989 -13.42 -29.84 47.43
N GLU A 990 -12.91 -28.69 47.87
CA GLU A 990 -13.39 -28.00 49.06
C GLU A 990 -13.47 -28.94 50.26
N PRO A 991 -12.36 -29.56 50.66
CA PRO A 991 -12.38 -30.46 51.82
C PRO A 991 -12.29 -29.68 53.12
N HIS A 992 -13.22 -29.94 54.03
CA HIS A 992 -13.20 -29.27 55.33
C HIS A 992 -11.92 -29.62 56.09
N LEU A 993 -11.33 -28.62 56.72
CA LEU A 993 -10.10 -28.82 57.48
C LEU A 993 -10.05 -27.79 58.60
N HIS A 994 -9.80 -28.27 59.82
CA HIS A 994 -9.70 -27.42 61.00
C HIS A 994 -8.26 -27.47 61.52
N THR A 995 -7.64 -26.30 61.65
CA THR A 995 -6.25 -26.22 62.09
C THR A 995 -6.17 -26.46 63.59
N THR A 996 -4.98 -26.25 64.16
CA THR A 996 -4.80 -26.44 65.59
C THR A 996 -5.71 -25.53 66.40
N GLU A 997 -6.09 -24.39 65.84
CA GLU A 997 -6.96 -23.45 66.53
C GLU A 997 -8.44 -23.79 66.37
N LYS A 998 -8.77 -24.87 65.66
CA LYS A 998 -10.16 -25.29 65.47
C LYS A 998 -10.94 -24.21 64.71
N GLU A 999 -10.50 -23.96 63.49
CA GLU A 999 -11.06 -22.93 62.61
C GLU A 999 -11.57 -23.59 61.34
N LEU A 1000 -12.12 -22.77 60.45
CA LEU A 1000 -12.69 -23.24 59.17
C LEU A 1000 -11.84 -22.68 58.05
N ARG A 1001 -10.95 -23.51 57.51
CA ARG A 1001 -10.09 -23.15 56.39
C ARG A 1001 -10.30 -24.18 55.29
N LYS A 1002 -10.97 -23.77 54.21
CA LYS A 1002 -11.26 -24.67 53.10
C LYS A 1002 -10.34 -24.37 51.93
N PRO A 1003 -9.51 -25.31 51.49
CA PRO A 1003 -8.78 -25.11 50.23
C PRO A 1003 -9.62 -25.53 49.04
N ASP A 1004 -9.58 -24.70 48.00
CA ASP A 1004 -10.46 -24.92 46.86
C ASP A 1004 -10.22 -26.30 46.24
N LEU A 1005 -8.97 -26.63 45.95
CA LEU A 1005 -8.63 -27.90 45.30
C LEU A 1005 -7.42 -28.52 45.96
N ILE A 1006 -7.47 -29.84 46.13
CA ILE A 1006 -6.33 -30.62 46.58
C ILE A 1006 -6.07 -31.69 45.52
N PHE A 1007 -4.91 -31.60 44.86
CA PHE A 1007 -4.52 -32.56 43.85
C PHE A 1007 -3.53 -33.56 44.43
N VAL A 1008 -3.72 -34.83 44.11
CA VAL A 1008 -2.87 -35.90 44.60
C VAL A 1008 -2.45 -36.77 43.43
N LYS A 1009 -1.15 -36.96 43.27
CA LYS A 1009 -0.60 -37.87 42.27
C LYS A 1009 0.75 -38.36 42.78
N GLU A 1010 0.99 -39.65 42.62
CA GLU A 1010 2.18 -40.27 43.18
C GLU A 1010 2.23 -40.03 44.68
N GLU A 1011 3.07 -39.10 45.13
CA GLU A 1011 3.19 -38.78 46.54
C GLU A 1011 2.83 -37.34 46.85
N MET A 1012 3.43 -36.38 46.15
CA MET A 1012 3.24 -34.97 46.48
C MET A 1012 1.78 -34.57 46.26
N ALA A 1013 1.31 -33.67 47.12
CA ALA A 1013 -0.03 -33.10 47.02
C ALA A 1013 0.08 -31.60 46.79
N LEU A 1014 -0.89 -31.06 46.07
CA LEU A 1014 -0.94 -29.64 45.71
C LEU A 1014 -2.19 -29.03 46.30
N VAL A 1015 -2.03 -27.92 47.03
CA VAL A 1015 -3.14 -27.16 47.58
C VAL A 1015 -3.27 -25.90 46.75
N VAL A 1016 -4.38 -25.77 46.02
CA VAL A 1016 -4.61 -24.64 45.12
C VAL A 1016 -5.89 -23.94 45.54
N ASP A 1017 -5.80 -22.64 45.75
CA ASP A 1017 -6.95 -21.79 46.00
C ASP A 1017 -7.07 -20.80 44.85
N VAL A 1018 -8.29 -20.69 44.30
CA VAL A 1018 -8.54 -19.83 43.15
C VAL A 1018 -9.24 -18.58 43.64
N THR A 1019 -8.66 -17.43 43.34
CA THR A 1019 -9.25 -16.13 43.63
C THR A 1019 -9.22 -15.27 42.38
N VAL A 1020 -10.21 -14.41 42.25
CA VAL A 1020 -10.34 -13.51 41.11
C VAL A 1020 -10.31 -12.09 41.63
N ARG A 1021 -9.29 -11.34 41.24
CA ARG A 1021 -9.03 -10.00 41.76
C ARG A 1021 -8.99 -9.00 40.63
N PHE A 1022 -9.59 -7.84 40.85
CA PHE A 1022 -9.55 -6.78 39.85
C PHE A 1022 -8.14 -6.20 39.74
N GLU A 1023 -7.79 -5.78 38.53
CA GLU A 1023 -6.45 -5.27 38.25
C GLU A 1023 -6.40 -3.79 38.63
N TYR A 1024 -5.76 -3.48 39.75
CA TYR A 1024 -5.53 -2.11 40.16
C TYR A 1024 -4.04 -1.79 40.32
N LYS A 1025 -3.30 -2.64 41.04
CA LYS A 1025 -1.89 -2.38 41.29
C LYS A 1025 -1.08 -3.65 41.05
N GLU A 1026 0.19 -3.47 40.71
CA GLU A 1026 1.02 -4.59 40.28
C GLU A 1026 1.04 -5.67 41.34
N LYS A 1027 1.21 -5.30 42.61
CA LYS A 1027 1.31 -6.30 43.65
C LYS A 1027 0.03 -7.10 43.83
N VAL A 1028 -1.10 -6.66 43.29
CA VAL A 1028 -2.40 -7.24 43.67
C VAL A 1028 -2.34 -8.77 43.60
N PHE A 1029 -1.96 -9.31 42.44
CA PHE A 1029 -1.91 -10.77 42.29
C PHE A 1029 -0.86 -11.40 43.20
N GLU A 1030 0.32 -10.77 43.29
CA GLU A 1030 1.37 -11.24 44.20
C GLU A 1030 0.82 -11.37 45.62
N ASP A 1031 0.13 -10.33 46.08
CA ASP A 1031 -0.43 -10.28 47.42
C ASP A 1031 -1.50 -11.33 47.61
N ALA A 1032 -2.33 -11.55 46.58
CA ALA A 1032 -3.32 -12.63 46.65
C ALA A 1032 -2.64 -13.98 46.84
N ALA A 1033 -1.61 -14.25 46.03
CA ALA A 1033 -0.85 -15.48 46.16
C ALA A 1033 -0.22 -15.59 47.54
N ALA A 1034 0.34 -14.50 48.03
CA ALA A 1034 0.95 -14.49 49.36
C ALA A 1034 -0.09 -14.79 50.44
N GLU A 1035 -1.25 -14.14 50.34
CA GLU A 1035 -2.35 -14.37 51.26
C GLU A 1035 -2.69 -15.85 51.33
N LYS A 1036 -2.82 -16.48 50.17
CA LYS A 1036 -3.07 -17.92 50.15
C LYS A 1036 -1.90 -18.68 50.75
N VAL A 1037 -0.68 -18.26 50.44
CA VAL A 1037 0.52 -18.85 51.04
C VAL A 1037 0.53 -18.61 52.54
N ARG A 1038 0.09 -17.43 52.96
CA ARG A 1038 0.02 -17.08 54.38
C ARG A 1038 -1.25 -17.56 55.05
N HIS A 1039 -2.11 -18.28 54.33
CA HIS A 1039 -3.42 -18.69 54.84
C HIS A 1039 -3.45 -20.17 55.21
N TYR A 1040 -3.00 -21.06 54.32
CA TYR A 1040 -3.15 -22.48 54.54
C TYR A 1040 -2.06 -23.04 55.44
N LYS A 1041 -0.80 -23.00 54.96
CA LYS A 1041 0.37 -23.45 55.71
C LYS A 1041 0.05 -24.40 56.85
N ASP A 1042 -0.54 -23.88 57.93
CA ASP A 1042 -0.73 -24.64 59.16
C ASP A 1042 -1.50 -25.94 58.95
N LEU A 1043 -2.15 -26.14 57.80
CA LEU A 1043 -2.91 -27.36 57.55
C LEU A 1043 -2.03 -28.53 57.09
N THR A 1044 -0.71 -28.34 56.99
CA THR A 1044 0.17 -29.38 56.47
C THR A 1044 -0.21 -30.76 56.98
N SER A 1045 -0.08 -30.96 58.29
CA SER A 1045 -0.35 -32.28 58.87
C SER A 1045 -1.71 -32.79 58.43
N GLN A 1046 -2.74 -31.96 58.59
CA GLN A 1046 -4.09 -32.40 58.23
C GLN A 1046 -4.13 -32.90 56.79
N ILE A 1047 -3.56 -32.13 55.87
CA ILE A 1047 -3.60 -32.53 54.47
C ILE A 1047 -3.01 -33.93 54.32
N LYS A 1048 -1.87 -34.17 54.96
CA LYS A 1048 -1.27 -35.50 54.91
C LYS A 1048 -2.28 -36.56 55.30
N GLU A 1049 -2.90 -36.37 56.47
CA GLU A 1049 -3.82 -37.39 56.98
C GLU A 1049 -4.97 -37.63 56.02
N LEU A 1050 -5.31 -36.62 55.20
CA LEU A 1050 -6.42 -36.78 54.27
C LEU A 1050 -6.02 -37.61 53.06
N THR A 1051 -4.77 -37.50 52.61
CA THR A 1051 -4.36 -38.09 51.34
C THR A 1051 -3.17 -39.04 51.44
N GLY A 1052 -2.43 -39.04 52.55
CA GLY A 1052 -1.22 -39.83 52.60
C GLY A 1052 -0.08 -39.28 51.78
N ALA A 1053 -0.19 -38.05 51.31
CA ALA A 1053 0.86 -37.44 50.51
C ALA A 1053 2.11 -37.23 51.35
N LYS A 1054 3.25 -37.15 50.66
CA LYS A 1054 4.53 -36.91 51.31
C LYS A 1054 5.08 -35.52 51.07
N GLU A 1055 4.58 -34.80 50.08
CA GLU A 1055 4.97 -33.42 49.81
C GLU A 1055 3.73 -32.57 49.60
N ILE A 1056 3.76 -31.34 50.09
CA ILE A 1056 2.64 -30.41 49.94
C ILE A 1056 3.20 -29.07 49.52
N GLU A 1057 2.44 -28.36 48.67
CA GLU A 1057 2.77 -27.02 48.24
C GLU A 1057 1.54 -26.14 48.42
N TYR A 1058 1.77 -24.83 48.55
CA TYR A 1058 0.72 -23.89 48.88
C TYR A 1058 0.75 -22.66 47.98
N PHE A 1059 0.93 -22.88 46.68
CA PHE A 1059 0.76 -21.81 45.71
C PHE A 1059 -0.71 -21.56 45.43
N GLY A 1060 -1.09 -20.28 45.34
CA GLY A 1060 -2.43 -19.90 44.99
C GLY A 1060 -2.61 -19.74 43.49
N PHE A 1061 -3.85 -19.45 43.10
CA PHE A 1061 -4.23 -19.36 41.70
C PHE A 1061 -5.06 -18.10 41.47
N PRO A 1062 -4.46 -16.92 41.58
CA PRO A 1062 -5.20 -15.70 41.26
C PRO A 1062 -5.50 -15.60 39.78
N LEU A 1063 -6.59 -14.91 39.46
CA LEU A 1063 -7.01 -14.70 38.09
C LEU A 1063 -7.57 -13.30 37.95
N GLY A 1064 -7.14 -12.59 36.91
CA GLY A 1064 -7.63 -11.24 36.68
C GLY A 1064 -9.13 -11.19 36.48
N ALA A 1065 -9.80 -10.23 37.14
CA ALA A 1065 -11.23 -10.07 36.94
C ALA A 1065 -11.54 -9.70 35.50
N ARG A 1066 -10.73 -8.84 34.91
CA ARG A 1066 -10.92 -8.43 33.53
C ARG A 1066 -10.21 -9.35 32.54
N GLY A 1067 -9.61 -10.44 33.01
CA GLY A 1067 -8.98 -11.42 32.15
C GLY A 1067 -7.48 -11.55 32.31
N LYS A 1068 -6.85 -10.85 33.25
CA LYS A 1068 -5.40 -10.96 33.41
C LYS A 1068 -5.02 -12.36 33.85
N TRP A 1069 -3.88 -12.84 33.36
CA TRP A 1069 -3.35 -14.16 33.69
C TRP A 1069 -1.95 -13.98 34.28
N PRO A 1070 -1.82 -13.91 35.60
CA PRO A 1070 -0.49 -13.80 36.20
C PRO A 1070 0.35 -15.05 35.93
N GLU A 1071 1.67 -14.85 35.84
CA GLU A 1071 2.56 -15.95 35.53
C GLU A 1071 2.73 -16.92 36.69
N ILE A 1072 2.42 -16.50 37.92
CA ILE A 1072 2.45 -17.45 39.02
C ILE A 1072 1.48 -18.59 38.77
N ASN A 1073 0.40 -18.32 38.02
CA ASN A 1073 -0.48 -19.40 37.59
C ASN A 1073 0.26 -20.38 36.68
N GLU A 1074 1.14 -19.86 35.82
CA GLU A 1074 1.97 -20.75 35.01
C GLU A 1074 2.86 -21.62 35.88
N LYS A 1075 3.37 -21.06 36.98
CA LYS A 1075 4.15 -21.85 37.92
C LYS A 1075 3.29 -22.94 38.55
N VAL A 1076 2.03 -22.61 38.88
CA VAL A 1076 1.10 -23.61 39.38
C VAL A 1076 0.96 -24.74 38.38
N LEU A 1077 0.74 -24.39 37.11
CA LEU A 1077 0.52 -25.41 36.08
C LEU A 1077 1.76 -26.27 35.90
N THR A 1078 2.95 -25.65 35.93
CA THR A 1078 4.18 -26.41 35.82
C THR A 1078 4.31 -27.39 36.99
N ALA A 1079 3.97 -26.94 38.20
CA ALA A 1079 3.90 -27.87 39.32
C ALA A 1079 2.92 -28.99 39.03
N LEU A 1080 1.87 -28.71 38.24
CA LEU A 1080 0.95 -29.76 37.85
C LEU A 1080 1.54 -30.71 36.82
N GLY A 1081 2.59 -30.31 36.12
CA GLY A 1081 3.22 -31.15 35.12
C GLY A 1081 2.71 -30.97 33.70
N MET A 1082 1.98 -29.90 33.43
CA MET A 1082 1.43 -29.69 32.09
C MET A 1082 2.53 -29.25 31.13
N PRO A 1083 2.54 -29.75 29.89
CA PRO A 1083 3.54 -29.29 28.93
C PRO A 1083 3.32 -27.84 28.52
N ASP A 1084 4.41 -27.24 28.03
CA ASP A 1084 4.43 -25.79 27.83
C ASP A 1084 3.34 -25.33 26.86
N TYR A 1085 3.21 -25.98 25.71
CA TYR A 1085 2.21 -25.56 24.74
C TYR A 1085 0.80 -25.73 25.30
N GLN A 1086 0.54 -26.86 25.95
CA GLN A 1086 -0.75 -27.03 26.60
C GLN A 1086 -0.94 -26.03 27.73
N GLN A 1087 0.15 -25.64 28.39
CA GLN A 1087 0.05 -24.57 29.39
C GLN A 1087 -0.40 -23.27 28.75
N LYS A 1088 0.15 -22.92 27.59
CA LYS A 1088 -0.27 -21.70 26.91
C LYS A 1088 -1.73 -21.78 26.50
N ARG A 1089 -2.15 -22.92 25.97
CA ARG A 1089 -3.55 -23.09 25.58
C ARG A 1089 -4.46 -22.93 26.79
N THR A 1090 -4.09 -23.56 27.91
CA THR A 1090 -4.91 -23.47 29.12
C THR A 1090 -4.93 -22.04 29.65
N ALA A 1091 -3.81 -21.32 29.57
CA ALA A 1091 -3.78 -19.95 30.06
C ALA A 1091 -4.70 -19.05 29.24
N LYS A 1092 -4.66 -19.20 27.92
CA LYS A 1092 -5.57 -18.42 27.08
C LYS A 1092 -7.02 -18.77 27.38
N ARG A 1093 -7.31 -20.07 27.49
CA ARG A 1093 -8.68 -20.49 27.78
C ARG A 1093 -9.16 -19.92 29.11
N PHE A 1094 -8.31 -20.00 30.14
CA PHE A 1094 -8.65 -19.40 31.42
C PHE A 1094 -8.96 -17.92 31.25
N SER A 1095 -7.96 -17.13 30.83
CA SER A 1095 -8.18 -15.70 30.62
C SER A 1095 -9.54 -15.42 29.99
N LYS A 1096 -9.83 -16.08 28.86
CA LYS A 1096 -11.10 -15.83 28.17
C LYS A 1096 -12.29 -16.18 29.06
N ARG A 1097 -12.25 -17.33 29.73
CA ARG A 1097 -13.42 -17.78 30.49
C ARG A 1097 -13.62 -16.94 31.75
N THR A 1098 -12.53 -16.52 32.39
CA THR A 1098 -12.63 -15.60 33.52
C THR A 1098 -13.25 -14.28 33.08
N LEU A 1099 -12.82 -13.75 31.93
CA LEU A 1099 -13.46 -12.54 31.42
C LEU A 1099 -14.94 -12.77 31.18
N LEU A 1100 -15.30 -13.93 30.61
CA LEU A 1100 -16.70 -14.21 30.33
C LEU A 1100 -17.52 -14.26 31.62
N TYR A 1101 -16.98 -14.90 32.66
CA TYR A 1101 -17.71 -14.96 33.92
C TYR A 1101 -17.81 -13.59 34.57
N SER A 1102 -16.78 -12.76 34.44
CA SER A 1102 -16.90 -11.38 34.93
C SER A 1102 -17.99 -10.63 34.18
N ILE A 1103 -18.09 -10.85 32.87
CA ILE A 1103 -19.19 -10.27 32.10
C ILE A 1103 -20.52 -10.77 32.63
N ASP A 1104 -20.60 -12.05 32.98
CA ASP A 1104 -21.83 -12.60 33.54
C ASP A 1104 -22.18 -11.91 34.85
N VAL A 1105 -21.17 -11.66 35.70
CA VAL A 1105 -21.42 -10.96 36.96
C VAL A 1105 -21.92 -9.55 36.69
N ILE A 1106 -21.33 -8.87 35.71
CA ILE A 1106 -21.77 -7.52 35.36
C ILE A 1106 -23.22 -7.55 34.89
N ASN A 1107 -23.58 -8.53 34.05
CA ASN A 1107 -24.95 -8.65 33.58
C ASN A 1107 -25.90 -8.91 34.74
N THR A 1108 -25.50 -9.77 35.68
CA THR A 1108 -26.34 -10.03 36.85
C THR A 1108 -26.55 -8.76 37.65
N PHE A 1109 -25.50 -7.96 37.82
CA PHE A 1109 -25.66 -6.68 38.51
C PHE A 1109 -26.62 -5.78 37.76
N GLU A 1110 -26.46 -5.67 36.44
CA GLU A 1110 -27.33 -4.80 35.66
C GLU A 1110 -28.77 -5.22 35.81
N ASN A 1111 -29.04 -6.51 35.73
CA ASN A 1111 -30.41 -6.99 35.90
C ASN A 1111 -30.91 -6.72 37.32
N ILE A 1112 -30.09 -6.96 38.34
CA ILE A 1112 -30.53 -6.67 39.70
C ILE A 1112 -30.90 -5.20 39.80
N GLY A 1113 -32.04 -4.91 40.42
CA GLY A 1113 -32.49 -3.55 40.55
C GLY A 1113 -33.23 -3.07 39.33
N LYS A 1114 -32.53 -2.88 38.21
CA LYS A 1114 -33.18 -2.40 37.00
C LYS A 1114 -34.29 -3.34 36.53
N ASN A 1115 -33.90 -4.56 36.16
CA ASN A 1115 -34.88 -5.55 35.70
C ASN A 1115 -35.82 -5.95 36.84
N ASN A 1116 -35.36 -5.89 38.08
CA ASN A 1116 -36.25 -6.17 39.21
C ASN A 1116 -37.39 -5.16 39.27
N LYS A 1117 -37.08 -3.88 39.07
CA LYS A 1117 -38.10 -2.84 39.03
C LYS A 1117 -38.97 -3.00 37.81
N ASN A 1118 -38.38 -3.34 36.66
CA ASN A 1118 -39.15 -3.51 35.44
C ASN A 1118 -40.17 -4.63 35.58
N ASN A 1119 -39.72 -5.81 36.01
CA ASN A 1119 -40.62 -6.94 36.21
C ASN A 1119 -41.50 -6.72 37.44
N VAL A 1120 -40.92 -6.19 38.52
CA VAL A 1120 -41.65 -5.96 39.76
C VAL A 1120 -41.60 -4.48 40.09
N PRO A 1121 -42.63 -3.69 39.71
CA PRO A 1121 -42.62 -2.26 40.03
C PRO A 1121 -43.03 -1.99 41.47
MG MG F . 0.46 1.60 -20.86
ZN ZN G . -38.25 12.15 15.66
ZN ZN H . -22.85 31.50 15.36
ZN ZN I . -12.48 34.23 -6.48
ZN ZN J . -22.50 -2.03 46.18
PA TTP K . -0.39 -0.82 -18.34
O1A TTP K . 0.46 0.26 -18.96
O2A TTP K . -1.23 -0.24 -17.22
O3A TTP K . -1.34 -1.55 -19.41
PB TTP K . -1.28 -1.17 -20.97
O1B TTP K . -0.38 0.01 -21.24
O2B TTP K . -0.83 -2.36 -21.78
O3B TTP K . -2.80 -0.79 -21.31
PG TTP K . -3.10 0.34 -22.41
O1G TTP K . -2.29 1.57 -22.08
O2G TTP K . -4.57 0.68 -22.40
O3G TTP K . -2.70 -0.17 -23.77
O5' TTP K . 0.50 -2.03 -17.79
C5' TTP K . 1.89 -2.09 -18.10
C4' TTP K . 2.38 -3.52 -17.94
O4' TTP K . 2.32 -3.92 -16.57
C3' TTP K . 1.51 -4.51 -18.69
O3' TTP K . 2.01 -4.77 -20.00
C2' TTP K . 1.49 -5.75 -17.83
C1' TTP K . 1.91 -5.29 -16.45
N1 TTP K . 0.77 -5.40 -15.54
C2 TTP K . 0.47 -6.65 -14.96
O2 TTP K . 1.21 -7.63 -15.21
N3 TTP K . -0.57 -6.80 -14.13
C4 TTP K . -1.36 -5.78 -13.85
O4 TTP K . -2.34 -5.93 -13.08
C5 TTP K . -1.09 -4.45 -14.46
C5M TTP K . -1.96 -3.27 -14.15
C6 TTP K . 0.00 -4.33 -15.30
#